data_4LZ5
#
_entry.id   4LZ5
#
_cell.length_a   114.751
_cell.length_b   164.541
_cell.length_c   47.460
_cell.angle_alpha   90.000
_cell.angle_beta   90.000
_cell.angle_gamma   90.000
#
_symmetry.space_group_name_H-M   'P 21 21 2'
#
loop_
_entity.id
_entity.type
_entity.pdbx_description
1 polymer 'Glutamate receptor 2'
2 non-polymer 'GLUTAMIC ACID'
3 non-polymer 'ZINC ION'
4 non-polymer "N-[(2R)-2-(4'-cyanobiphenyl-4-yl)propyl]propane-2-sulfonamide"
5 water water
#
_entity_poly.entity_id   1
_entity_poly.type   'polypeptide(L)'
_entity_poly.pdbx_seq_one_letter_code
;GSAMGSGNDTSRGANKTVVVTTILESPYVMMKKNHEMLEGNERYEGYCVDLAAEIAKHCGFKYKLTIVGDGKYGARDADT
KIWNGMVGELVYGKADIAIAPLTITLVREEVIDFSKPFMSLGISIMIKKGTPIESAEDLSKQTEIAYGTLDSGSTKEFFR
RSKIAVFDKMWTYMRSAEPSVFVRTTAEGVARVRKSKGKYAYLLESTMNEYIEQRKPCDTMKVGGNLDSKGYGIATPKGS
SLGNAVNLAVLKLNEQGLLDKLKNKWWYDKGECGS
;
_entity_poly.pdbx_strand_id   A,B,C
#
loop_
_chem_comp.id
_chem_comp.type
_chem_comp.name
_chem_comp.formula
1YV non-polymer N-[(2R)-2-(4'-cyanobiphenyl-4-yl)propyl]propane-2-sulfonamide 'C19 H22 N2 O2 S'
ZN non-polymer 'ZINC ION' 'Zn 2'
#
# COMPACT_ATOMS: atom_id res chain seq x y z
N LYS A 16 -11.53 -14.01 -13.90
CA LYS A 16 -11.54 -15.14 -12.97
C LYS A 16 -10.88 -14.69 -11.67
N THR A 17 -11.16 -15.47 -10.67
CA THR A 17 -10.62 -15.21 -9.33
C THR A 17 -9.11 -15.57 -9.39
N VAL A 18 -8.32 -14.59 -8.88
CA VAL A 18 -6.83 -14.74 -8.87
C VAL A 18 -6.46 -15.54 -7.65
N VAL A 19 -5.64 -16.59 -7.83
CA VAL A 19 -5.21 -17.40 -6.76
C VAL A 19 -3.87 -16.82 -6.25
N VAL A 20 -3.87 -16.39 -4.97
CA VAL A 20 -2.71 -15.75 -4.30
C VAL A 20 -2.08 -16.77 -3.48
N THR A 21 -0.80 -17.03 -3.68
CA THR A 21 0.01 -17.81 -2.77
C THR A 21 0.69 -16.95 -1.74
N THR A 22 0.71 -17.36 -0.49
CA THR A 22 1.38 -16.67 0.58
C THR A 22 1.84 -17.64 1.68
N ILE A 23 2.46 -17.14 2.69
CA ILE A 23 3.12 -17.99 3.65
C ILE A 23 2.72 -17.53 5.05
N LEU A 24 2.53 -18.44 6.01
CA LEU A 24 2.32 -18.05 7.41
C LEU A 24 3.60 -17.59 8.00
N GLU A 25 3.80 -16.29 8.10
CA GLU A 25 5.02 -15.73 8.62
C GLU A 25 4.61 -14.43 9.27
N SER A 26 4.85 -14.25 10.58
CA SER A 26 4.33 -13.06 11.25
C SER A 26 5.28 -11.90 10.99
N PRO A 27 4.76 -10.66 10.85
CA PRO A 27 3.36 -10.22 10.91
C PRO A 27 2.70 -10.12 9.54
N TYR A 28 3.25 -10.82 8.56
CA TYR A 28 2.81 -10.75 7.20
C TYR A 28 1.44 -11.42 6.99
N VAL A 29 1.36 -12.67 7.37
CA VAL A 29 0.13 -13.44 7.30
C VAL A 29 0.07 -14.30 8.58
N MET A 30 -1.07 -14.15 9.29
CA MET A 30 -1.31 -14.86 10.59
C MET A 30 -2.77 -15.32 10.54
N MET A 31 -3.02 -16.48 11.24
CA MET A 31 -4.39 -16.86 11.41
C MET A 31 -5.01 -15.96 12.45
N LYS A 32 -6.20 -15.45 12.15
CA LYS A 32 -7.01 -14.72 13.18
C LYS A 32 -7.32 -15.65 14.35
N LYS A 33 -7.41 -15.07 15.53
CA LYS A 33 -7.73 -15.90 16.73
C LYS A 33 -8.98 -16.68 16.58
N ASN A 34 -9.94 -16.05 15.93
CA ASN A 34 -11.22 -16.63 15.63
C ASN A 34 -11.45 -17.22 14.26
N HIS A 35 -10.32 -17.62 13.63
CA HIS A 35 -10.41 -18.07 12.24
C HIS A 35 -11.38 -19.18 11.97
N GLU A 36 -11.59 -20.05 12.96
CA GLU A 36 -12.47 -21.20 12.68
C GLU A 36 -13.98 -20.85 12.50
N MET A 37 -14.32 -19.63 12.89
CA MET A 37 -15.63 -19.05 12.71
C MET A 37 -15.82 -18.22 11.46
N LEU A 38 -14.70 -18.06 10.73
CA LEU A 38 -14.63 -17.18 9.55
C LEU A 38 -14.39 -18.00 8.32
N GLU A 39 -14.54 -17.43 7.16
CA GLU A 39 -14.27 -18.16 5.95
C GLU A 39 -13.40 -17.39 4.94
N GLY A 40 -12.83 -18.17 4.06
CA GLY A 40 -12.13 -17.61 2.96
C GLY A 40 -11.03 -16.62 3.43
N ASN A 41 -10.95 -15.50 2.71
CA ASN A 41 -9.92 -14.51 2.98
C ASN A 41 -9.95 -13.90 4.36
N GLU A 42 -11.19 -13.95 4.96
CA GLU A 42 -11.37 -13.43 6.30
C GLU A 42 -10.74 -14.14 7.42
N ARG A 43 -10.23 -15.36 7.13
CA ARG A 43 -9.50 -16.15 8.12
C ARG A 43 -8.18 -15.64 8.61
N TYR A 44 -7.61 -14.73 7.74
CA TYR A 44 -6.20 -14.29 7.93
C TYR A 44 -6.10 -12.78 8.22
N GLU A 45 -4.98 -12.40 8.85
CA GLU A 45 -4.71 -11.00 9.02
C GLU A 45 -3.19 -10.79 8.88
N GLY A 46 -2.79 -9.53 8.66
CA GLY A 46 -1.40 -9.14 8.67
C GLY A 46 -1.10 -8.18 7.55
N TYR A 47 0.19 -7.81 7.50
CA TYR A 47 0.61 -6.83 6.52
C TYR A 47 0.34 -7.21 5.06
N CYS A 48 0.66 -8.48 4.73
CA CYS A 48 0.40 -9.03 3.38
C CYS A 48 -1.03 -9.19 3.02
N VAL A 49 -1.83 -9.48 4.06
CA VAL A 49 -3.30 -9.55 3.90
C VAL A 49 -3.88 -8.21 3.51
N ASP A 50 -3.44 -7.17 4.26
CA ASP A 50 -3.80 -5.78 3.97
C ASP A 50 -3.32 -5.37 2.58
N LEU A 51 -2.11 -5.71 2.25
CA LEU A 51 -1.55 -5.33 0.97
C LEU A 51 -2.29 -6.07 -0.18
N ALA A 52 -2.58 -7.33 0.00
CA ALA A 52 -3.32 -8.05 -1.07
C ALA A 52 -4.66 -7.42 -1.38
N ALA A 53 -5.36 -7.02 -0.33
CA ALA A 53 -6.64 -6.36 -0.56
C ALA A 53 -6.50 -5.08 -1.36
N GLU A 54 -5.49 -4.31 -1.07
CA GLU A 54 -5.25 -3.08 -1.82
C GLU A 54 -4.75 -3.33 -3.22
N ILE A 55 -3.79 -4.24 -3.37
CA ILE A 55 -3.39 -4.59 -4.81
C ILE A 55 -4.63 -5.05 -5.56
N ALA A 56 -5.50 -5.89 -5.05
CA ALA A 56 -6.68 -6.42 -5.81
C ALA A 56 -7.60 -5.29 -6.13
N LYS A 57 -7.83 -4.37 -5.19
CA LYS A 57 -8.71 -3.20 -5.47
C LYS A 57 -8.19 -2.28 -6.52
N HIS A 58 -6.88 -2.01 -6.52
CA HIS A 58 -6.28 -1.08 -7.47
C HIS A 58 -6.15 -1.72 -8.83
N CYS A 59 -6.02 -3.02 -8.92
CA CYS A 59 -5.85 -3.77 -10.19
C CYS A 59 -7.21 -4.27 -10.70
N GLY A 60 -8.22 -4.30 -9.88
CA GLY A 60 -9.54 -4.66 -10.28
C GLY A 60 -9.79 -6.09 -10.39
N PHE A 61 -9.31 -6.90 -9.44
CA PHE A 61 -9.50 -8.33 -9.51
C PHE A 61 -10.05 -8.92 -8.22
N LYS A 62 -10.82 -10.00 -8.27
CA LYS A 62 -11.19 -10.83 -7.17
C LYS A 62 -10.10 -11.85 -6.91
N TYR A 63 -9.93 -12.26 -5.66
CA TYR A 63 -8.82 -13.10 -5.33
C TYR A 63 -9.11 -14.06 -4.19
N LYS A 64 -8.35 -15.12 -4.08
CA LYS A 64 -8.41 -16.05 -3.03
C LYS A 64 -7.01 -16.28 -2.41
N LEU A 65 -6.85 -16.00 -1.15
CA LEU A 65 -5.61 -16.26 -0.46
C LEU A 65 -5.46 -17.77 -0.17
N THR A 66 -4.30 -18.32 -0.49
CA THR A 66 -3.95 -19.72 -0.19
C THR A 66 -2.54 -19.81 0.38
N ILE A 67 -2.41 -20.53 1.41
CA ILE A 67 -1.13 -20.75 2.06
C ILE A 67 -0.33 -21.83 1.37
N VAL A 68 0.91 -21.54 1.01
CA VAL A 68 1.74 -22.45 0.22
C VAL A 68 1.80 -23.80 0.97
N GLY A 69 1.59 -24.85 0.15
CA GLY A 69 1.42 -26.14 0.80
C GLY A 69 2.59 -26.71 1.53
N ASP A 70 3.79 -26.45 1.00
CA ASP A 70 5.04 -26.90 1.61
C ASP A 70 5.64 -26.02 2.69
N GLY A 71 5.05 -24.81 2.87
CA GLY A 71 5.57 -23.89 3.88
C GLY A 71 6.89 -23.23 3.55
N LYS A 72 7.27 -23.25 2.26
CA LYS A 72 8.56 -22.73 1.88
C LYS A 72 8.46 -21.50 0.97
N TYR A 73 9.58 -20.76 0.92
CA TYR A 73 9.71 -19.51 0.11
C TYR A 73 9.90 -19.88 -1.38
N GLY A 74 10.98 -20.62 -1.63
CA GLY A 74 11.22 -21.15 -2.98
C GLY A 74 12.69 -21.30 -3.22
N ALA A 75 13.07 -22.50 -3.70
CA ALA A 75 14.46 -22.87 -4.06
C ALA A 75 14.29 -24.04 -5.06
N ARG A 76 15.32 -24.04 -5.91
CA ARG A 76 15.38 -25.08 -6.97
C ARG A 76 16.36 -26.22 -6.45
N ASP A 77 15.80 -27.41 -6.35
CA ASP A 77 16.67 -28.62 -6.03
C ASP A 77 17.77 -28.76 -7.09
N ALA A 78 19.01 -28.93 -6.61
CA ALA A 78 20.22 -28.94 -7.45
C ALA A 78 20.24 -30.08 -8.49
N ASP A 79 19.69 -31.25 -8.15
CA ASP A 79 19.71 -32.43 -9.11
C ASP A 79 18.37 -32.64 -9.88
N THR A 80 17.28 -32.38 -9.14
CA THR A 80 15.88 -32.61 -9.51
C THR A 80 15.40 -31.45 -10.39
N LYS A 81 15.95 -30.27 -10.08
CA LYS A 81 15.72 -29.01 -10.80
C LYS A 81 14.30 -28.43 -10.61
N ILE A 82 13.56 -29.06 -9.73
CA ILE A 82 12.20 -28.68 -9.35
C ILE A 82 12.29 -27.53 -8.33
N TRP A 83 11.48 -26.51 -8.61
CA TRP A 83 11.27 -25.43 -7.66
C TRP A 83 10.19 -25.78 -6.65
N ASN A 84 10.51 -25.45 -5.38
CA ASN A 84 9.57 -25.67 -4.31
C ASN A 84 8.96 -24.34 -3.85
N GLY A 85 8.14 -24.36 -2.81
CA GLY A 85 7.68 -23.12 -2.16
C GLY A 85 6.80 -22.35 -3.06
N MET A 86 6.65 -21.05 -2.65
CA MET A 86 5.82 -20.10 -3.40
C MET A 86 6.30 -19.95 -4.86
N VAL A 87 7.60 -19.91 -5.03
CA VAL A 87 8.19 -19.80 -6.41
C VAL A 87 7.68 -20.97 -7.22
N GLY A 88 7.75 -22.17 -6.67
CA GLY A 88 7.21 -23.28 -7.43
C GLY A 88 5.76 -23.25 -7.72
N GLU A 89 4.93 -22.75 -6.80
CA GLU A 89 3.51 -22.62 -7.09
C GLU A 89 3.27 -21.71 -8.29
N LEU A 90 4.04 -20.63 -8.45
CA LEU A 90 4.01 -19.78 -9.67
C LEU A 90 4.53 -20.48 -10.95
N VAL A 91 5.68 -21.07 -10.80
CA VAL A 91 6.37 -21.73 -11.93
C VAL A 91 5.43 -22.80 -12.51
N TYR A 92 4.78 -23.60 -11.70
CA TYR A 92 4.05 -24.79 -12.16
C TYR A 92 2.54 -24.52 -12.38
N GLY A 93 2.17 -23.26 -12.25
CA GLY A 93 0.80 -22.91 -12.54
C GLY A 93 -0.25 -23.06 -11.48
N LYS A 94 0.15 -23.28 -10.24
CA LYS A 94 -0.78 -23.53 -9.16
C LYS A 94 -1.33 -22.19 -8.63
N ALA A 95 -0.59 -21.13 -8.76
CA ALA A 95 -1.03 -19.78 -8.27
C ALA A 95 -0.75 -18.75 -9.29
N ASP A 96 -1.48 -17.64 -9.22
CA ASP A 96 -1.40 -16.59 -10.16
C ASP A 96 -0.42 -15.43 -9.77
N ILE A 97 -0.30 -15.28 -8.46
CA ILE A 97 0.47 -14.20 -7.84
C ILE A 97 0.89 -14.63 -6.45
N ALA A 98 2.09 -14.17 -6.02
CA ALA A 98 2.59 -14.38 -4.66
C ALA A 98 2.72 -13.02 -4.01
N ILE A 99 2.02 -12.89 -2.86
CA ILE A 99 2.03 -11.61 -2.05
C ILE A 99 2.52 -12.01 -0.63
N ALA A 100 3.81 -11.84 -0.39
CA ALA A 100 4.50 -12.44 0.67
C ALA A 100 5.86 -11.74 0.89
N PRO A 101 6.56 -11.99 1.99
CA PRO A 101 7.92 -11.46 2.14
C PRO A 101 8.95 -12.33 1.31
N LEU A 102 8.77 -12.20 0.00
CA LEU A 102 9.53 -12.97 -1.00
C LEU A 102 10.63 -12.12 -1.58
N THR A 103 11.90 -12.47 -1.26
CA THR A 103 13.01 -11.66 -1.66
C THR A 103 13.25 -11.75 -3.17
N ILE A 104 13.50 -10.59 -3.73
CA ILE A 104 13.88 -10.48 -5.14
C ILE A 104 15.28 -10.99 -5.28
N THR A 105 15.49 -12.01 -6.07
CA THR A 105 16.88 -12.55 -6.32
C THR A 105 17.00 -12.83 -7.83
N LEU A 106 18.26 -12.81 -8.31
CA LEU A 106 18.56 -13.17 -9.69
C LEU A 106 18.06 -14.48 -10.13
N VAL A 107 18.27 -15.53 -9.35
CA VAL A 107 17.90 -16.85 -9.73
C VAL A 107 16.38 -16.95 -9.89
N ARG A 108 15.63 -16.24 -9.01
CA ARG A 108 14.22 -16.27 -9.14
C ARG A 108 13.70 -15.43 -10.31
N GLU A 109 14.35 -14.28 -10.53
CA GLU A 109 13.97 -13.40 -11.64
C GLU A 109 14.15 -14.08 -12.96
N GLU A 110 14.97 -15.07 -13.01
CA GLU A 110 15.06 -15.88 -14.26
C GLU A 110 13.88 -16.74 -14.55
N VAL A 111 13.01 -17.09 -13.57
CA VAL A 111 11.92 -17.97 -13.74
C VAL A 111 10.46 -17.39 -13.44
N ILE A 112 10.45 -16.27 -12.67
CA ILE A 112 9.24 -15.51 -12.35
C ILE A 112 9.49 -14.04 -12.51
N ASP A 113 8.43 -13.26 -12.53
CA ASP A 113 8.55 -11.82 -12.58
C ASP A 113 8.32 -11.18 -11.14
N PHE A 114 8.97 -10.13 -10.86
CA PHE A 114 8.78 -9.35 -9.61
C PHE A 114 8.42 -7.92 -9.90
N SER A 115 7.51 -7.37 -9.07
CA SER A 115 7.31 -5.94 -9.05
C SER A 115 8.57 -5.29 -8.49
N LYS A 116 8.61 -3.93 -8.64
CA LYS A 116 9.54 -3.14 -7.85
C LYS A 116 9.26 -3.46 -6.33
N PRO A 117 10.27 -3.33 -5.53
CA PRO A 117 10.07 -3.81 -4.13
C PRO A 117 9.08 -2.99 -3.36
N PHE A 118 8.29 -3.66 -2.52
CA PHE A 118 7.38 -2.97 -1.61
C PHE A 118 7.95 -2.72 -0.21
N MET A 119 9.08 -3.35 0.09
CA MET A 119 9.68 -3.23 1.38
C MET A 119 11.16 -3.56 1.28
N SER A 120 11.95 -2.78 2.00
CA SER A 120 13.43 -2.93 2.09
C SER A 120 13.79 -3.80 3.24
N LEU A 121 14.87 -4.56 3.02
CA LEU A 121 15.37 -5.43 4.10
C LEU A 121 16.85 -5.73 3.85
N GLY A 122 17.54 -6.25 4.84
CA GLY A 122 18.82 -6.87 4.67
C GLY A 122 18.96 -8.02 5.66
N ILE A 123 19.88 -8.93 5.39
CA ILE A 123 20.20 -9.98 6.34
C ILE A 123 20.79 -9.32 7.58
N SER A 124 20.40 -9.86 8.72
CA SER A 124 20.76 -9.35 10.00
C SER A 124 21.01 -10.43 11.05
N ILE A 125 21.52 -10.04 12.23
CA ILE A 125 21.81 -10.99 13.33
C ILE A 125 20.86 -10.79 14.45
N MET A 126 20.22 -11.85 14.87
CA MET A 126 19.39 -11.91 16.07
C MET A 126 20.12 -12.66 17.18
N ILE A 127 20.32 -11.99 18.33
CA ILE A 127 20.92 -12.61 19.53
C ILE A 127 19.87 -12.60 20.62
N LYS A 128 20.08 -13.47 21.61
CA LYS A 128 19.46 -13.38 22.92
C LYS A 128 20.27 -12.22 23.61
N LYS A 129 19.48 -11.35 24.26
CA LYS A 129 20.11 -10.20 24.92
C LYS A 129 21.24 -10.62 25.86
N GLY A 130 22.33 -9.91 25.75
CA GLY A 130 23.52 -10.18 26.56
C GLY A 130 24.57 -11.04 25.90
N THR A 131 24.24 -11.60 24.73
CA THR A 131 25.17 -12.46 23.98
C THR A 131 26.29 -11.57 23.55
N PRO A 132 27.66 -11.85 23.69
CA PRO A 132 28.78 -11.07 23.36
C PRO A 132 29.16 -11.13 21.89
N ILE A 133 28.22 -10.67 21.06
CA ILE A 133 28.43 -10.55 19.61
C ILE A 133 27.86 -9.22 19.13
N GLU A 134 28.59 -8.51 18.33
CA GLU A 134 28.18 -7.21 17.75
C GLU A 134 28.11 -7.20 16.22
N SER A 135 28.56 -8.26 15.56
CA SER A 135 28.81 -8.17 14.14
C SER A 135 28.96 -9.59 13.57
N ALA A 136 28.86 -9.65 12.24
CA ALA A 136 29.15 -10.89 11.51
C ALA A 136 30.59 -11.29 11.69
N GLU A 137 31.48 -10.35 11.59
CA GLU A 137 32.90 -10.63 11.85
C GLU A 137 33.09 -11.26 13.20
N ASP A 138 32.40 -10.73 14.24
CA ASP A 138 32.48 -11.35 15.57
C ASP A 138 32.08 -12.78 15.54
N LEU A 139 30.94 -13.15 14.88
CA LEU A 139 30.51 -14.49 14.84
C LEU A 139 31.54 -15.41 14.15
N SER A 140 32.08 -14.89 13.04
CA SER A 140 33.06 -15.66 12.24
C SER A 140 34.36 -16.00 12.95
N LYS A 141 34.76 -15.19 13.91
CA LYS A 141 36.09 -15.33 14.65
C LYS A 141 35.89 -16.09 15.96
N GLN A 142 34.82 -16.81 16.16
CA GLN A 142 34.66 -17.51 17.44
C GLN A 142 33.92 -18.74 17.24
N THR A 143 33.91 -19.63 18.22
CA THR A 143 33.24 -20.89 18.02
C THR A 143 32.22 -21.29 19.15
N GLU A 144 32.18 -20.55 20.24
CA GLU A 144 31.31 -20.95 21.37
C GLU A 144 29.77 -20.83 21.04
N ILE A 145 29.47 -19.78 20.21
CA ILE A 145 28.13 -19.45 19.83
C ILE A 145 27.88 -19.94 18.37
N ALA A 146 26.98 -20.84 18.27
CA ALA A 146 26.58 -21.49 16.98
C ALA A 146 25.70 -20.41 16.30
N TYR A 147 25.52 -20.59 15.02
CA TYR A 147 24.65 -19.70 14.22
C TYR A 147 24.22 -20.33 12.93
N GLY A 148 23.03 -19.97 12.46
CA GLY A 148 22.45 -20.52 11.31
C GLY A 148 21.32 -19.68 10.70
N THR A 149 20.71 -20.24 9.70
CA THR A 149 19.72 -19.57 8.85
C THR A 149 18.53 -20.42 8.55
N LEU A 150 17.47 -19.88 8.00
CA LEU A 150 16.36 -20.67 7.50
C LEU A 150 16.91 -21.60 6.41
N ASP A 151 16.48 -22.85 6.45
CA ASP A 151 17.17 -23.94 5.75
C ASP A 151 16.90 -23.81 4.28
N SER A 152 15.87 -23.09 3.79
CA SER A 152 15.61 -23.09 2.32
C SER A 152 15.14 -21.74 1.52
N GLY A 153 15.81 -20.68 1.78
CA GLY A 153 15.44 -19.35 1.36
C GLY A 153 16.64 -18.55 0.89
N SER A 154 16.47 -17.25 0.73
CA SER A 154 17.44 -16.40 0.13
C SER A 154 18.61 -16.18 1.09
N THR A 155 18.38 -16.25 2.40
CA THR A 155 19.51 -15.98 3.30
C THR A 155 20.58 -17.12 3.21
N LYS A 156 20.06 -18.32 3.18
CA LYS A 156 20.96 -19.54 2.97
C LYS A 156 21.74 -19.39 1.69
N GLU A 157 21.06 -18.99 0.65
CA GLU A 157 21.75 -18.84 -0.61
C GLU A 157 22.76 -17.74 -0.66
N PHE A 158 22.57 -16.64 0.06
CA PHE A 158 23.48 -15.55 0.19
C PHE A 158 24.80 -16.05 0.71
N PHE A 159 24.76 -16.83 1.80
CA PHE A 159 26.02 -17.42 2.36
C PHE A 159 26.65 -18.43 1.42
N ARG A 160 25.83 -19.28 0.87
CA ARG A 160 26.31 -20.35 -0.11
C ARG A 160 27.09 -19.72 -1.22
N ARG A 161 26.67 -18.58 -1.70
CA ARG A 161 27.30 -17.90 -2.90
C ARG A 161 28.30 -16.84 -2.63
N SER A 162 28.49 -16.34 -1.42
CA SER A 162 29.26 -15.26 -1.12
C SER A 162 30.76 -15.50 -1.41
N LYS A 163 31.37 -14.52 -2.01
CA LYS A 163 32.86 -14.48 -2.15
C LYS A 163 33.51 -13.55 -1.18
N ILE A 164 32.74 -12.87 -0.34
CA ILE A 164 33.26 -12.00 0.72
C ILE A 164 33.84 -12.89 1.86
N ALA A 165 35.07 -12.61 2.30
CA ALA A 165 35.77 -13.48 3.17
C ALA A 165 34.99 -13.82 4.45
N VAL A 166 34.46 -12.81 5.14
CA VAL A 166 33.80 -13.07 6.48
C VAL A 166 32.64 -14.02 6.20
N PHE A 167 31.90 -13.78 5.15
CA PHE A 167 30.72 -14.52 4.88
C PHE A 167 30.99 -15.90 4.38
N ASP A 168 32.08 -16.01 3.57
CA ASP A 168 32.57 -17.33 3.17
C ASP A 168 33.02 -18.19 4.39
N LYS A 169 33.68 -17.54 5.34
CA LYS A 169 34.12 -18.21 6.55
C LYS A 169 32.89 -18.74 7.31
N MET A 170 31.86 -17.86 7.40
CA MET A 170 30.63 -18.28 8.06
C MET A 170 29.92 -19.45 7.42
N TRP A 171 29.81 -19.43 6.08
CA TRP A 171 29.24 -20.54 5.33
C TRP A 171 30.05 -21.83 5.52
N THR A 172 31.37 -21.71 5.46
CA THR A 172 32.15 -23.00 5.61
C THR A 172 31.80 -23.62 6.98
N TYR A 173 31.62 -22.78 8.04
CA TYR A 173 31.17 -23.27 9.33
C TYR A 173 29.78 -23.86 9.27
N MET A 174 28.81 -23.08 8.79
CA MET A 174 27.46 -23.48 8.85
C MET A 174 27.13 -24.75 8.12
N ARG A 175 27.70 -24.85 6.92
CA ARG A 175 27.39 -26.00 6.06
C ARG A 175 27.88 -27.30 6.69
N SER A 176 28.86 -27.23 7.59
CA SER A 176 29.47 -28.46 8.17
C SER A 176 29.07 -28.66 9.61
N ALA A 177 28.40 -27.69 10.25
CA ALA A 177 28.11 -27.84 11.67
C ALA A 177 27.08 -28.95 11.95
N GLU A 178 27.39 -29.66 13.05
CA GLU A 178 26.59 -30.75 13.54
C GLU A 178 26.37 -30.62 15.09
N PRO A 179 25.12 -30.75 15.48
CA PRO A 179 23.89 -30.87 14.73
C PRO A 179 23.61 -29.63 13.80
N SER A 180 22.68 -29.79 12.93
CA SER A 180 22.41 -28.77 11.89
C SER A 180 22.07 -27.45 12.56
N VAL A 181 22.65 -26.41 12.01
CA VAL A 181 22.35 -25.00 12.52
C VAL A 181 21.20 -24.40 11.71
N PHE A 182 20.65 -25.07 10.71
CA PHE A 182 19.58 -24.59 9.90
C PHE A 182 18.28 -24.94 10.49
N VAL A 183 17.24 -24.14 10.25
CA VAL A 183 15.90 -24.29 10.74
C VAL A 183 14.85 -24.33 9.67
N ARG A 184 13.68 -24.97 9.93
CA ARG A 184 12.66 -25.09 8.94
C ARG A 184 11.76 -23.85 8.76
N THR A 185 11.63 -23.08 9.85
CA THR A 185 10.81 -21.93 9.85
C THR A 185 11.43 -20.83 10.75
N THR A 186 11.05 -19.57 10.49
CA THR A 186 11.49 -18.48 11.29
C THR A 186 11.25 -18.67 12.75
N ALA A 187 10.04 -19.15 13.06
CA ALA A 187 9.67 -19.40 14.35
C ALA A 187 10.55 -20.33 15.13
N GLU A 188 10.99 -21.43 14.42
CA GLU A 188 11.93 -22.35 15.00
C GLU A 188 13.29 -21.67 15.34
N GLY A 189 13.79 -20.80 14.40
CA GLY A 189 15.04 -20.12 14.68
C GLY A 189 14.95 -19.23 15.93
N VAL A 190 13.86 -18.50 16.01
CA VAL A 190 13.61 -17.58 17.13
C VAL A 190 13.49 -18.36 18.46
N ALA A 191 12.78 -19.49 18.43
CA ALA A 191 12.74 -20.33 19.60
C ALA A 191 14.08 -20.87 20.00
N ARG A 192 14.93 -21.21 18.97
CA ARG A 192 16.22 -21.67 19.22
C ARG A 192 17.16 -20.65 19.91
N VAL A 193 17.10 -19.40 19.47
CA VAL A 193 17.79 -18.34 20.14
C VAL A 193 17.30 -18.22 21.60
N ARG A 194 16.00 -18.24 21.77
CA ARG A 194 15.46 -17.96 23.13
C ARG A 194 15.84 -19.03 24.10
N LYS A 195 15.97 -20.28 23.66
CA LYS A 195 16.24 -21.43 24.54
C LYS A 195 17.70 -21.71 24.72
N SER A 196 18.61 -21.08 23.96
CA SER A 196 19.92 -21.61 23.87
C SER A 196 20.88 -20.82 24.85
N LYS A 197 20.34 -19.98 25.77
CA LYS A 197 21.15 -19.29 26.81
C LYS A 197 22.29 -18.45 26.27
N GLY A 198 22.06 -17.91 25.05
CA GLY A 198 23.09 -17.11 24.37
C GLY A 198 24.09 -17.87 23.42
N LYS A 199 23.88 -19.16 23.30
CA LYS A 199 24.82 -20.01 22.53
C LYS A 199 24.36 -20.28 21.10
N TYR A 200 23.22 -19.70 20.69
CA TYR A 200 22.74 -19.72 19.29
C TYR A 200 22.35 -18.31 18.87
N ALA A 201 22.88 -17.85 17.72
CA ALA A 201 22.49 -16.56 17.04
C ALA A 201 21.84 -16.98 15.75
N TYR A 202 20.83 -16.23 15.32
CA TYR A 202 20.04 -16.53 14.13
C TYR A 202 20.22 -15.46 13.09
N LEU A 203 20.54 -15.83 11.87
CA LEU A 203 20.72 -14.95 10.74
C LEU A 203 19.38 -14.91 9.98
N LEU A 204 18.74 -13.72 9.97
CA LEU A 204 17.45 -13.61 9.37
C LEU A 204 17.25 -12.17 8.85
N GLU A 205 16.23 -12.00 8.05
CA GLU A 205 15.99 -10.67 7.44
C GLU A 205 15.60 -9.66 8.53
N SER A 206 16.05 -8.43 8.32
CA SER A 206 15.93 -7.33 9.28
C SER A 206 14.47 -7.07 9.64
N THR A 207 13.59 -7.17 8.68
CA THR A 207 12.16 -6.98 8.90
C THR A 207 11.61 -7.98 9.96
N MET A 208 11.95 -9.23 9.83
CA MET A 208 11.49 -10.28 10.79
C MET A 208 12.17 -10.06 12.12
N ASN A 209 13.44 -9.74 12.09
CA ASN A 209 14.23 -9.46 13.33
C ASN A 209 13.59 -8.29 14.13
N GLU A 210 13.34 -7.23 13.40
CA GLU A 210 12.79 -6.00 14.08
C GLU A 210 11.39 -6.24 14.56
N TYR A 211 10.61 -7.07 13.95
CA TYR A 211 9.30 -7.43 14.45
C TYR A 211 9.42 -8.18 15.80
N ILE A 212 10.26 -9.23 15.82
CA ILE A 212 10.38 -10.08 17.01
C ILE A 212 10.96 -9.28 18.20
N GLU A 213 11.87 -8.35 17.90
CA GLU A 213 12.45 -7.44 18.94
C GLU A 213 11.34 -6.70 19.62
N GLN A 214 10.20 -6.47 19.01
CA GLN A 214 9.11 -5.76 19.68
C GLN A 214 8.05 -6.67 20.20
N ARG A 215 8.30 -7.93 20.37
CA ARG A 215 7.35 -8.89 20.91
C ARG A 215 7.88 -9.44 22.26
N LYS A 216 6.88 -9.69 23.13
CA LYS A 216 7.17 -10.40 24.35
C LYS A 216 7.63 -11.77 23.97
N PRO A 217 8.55 -12.30 24.75
CA PRO A 217 9.13 -11.82 25.99
C PRO A 217 10.26 -10.79 25.96
N CYS A 218 10.50 -10.13 24.79
CA CYS A 218 11.42 -8.99 24.77
C CYS A 218 12.86 -9.39 25.18
N ASP A 219 13.27 -10.58 24.74
CA ASP A 219 14.55 -11.15 25.05
C ASP A 219 15.54 -11.38 23.95
N THR A 220 15.17 -10.83 22.80
CA THR A 220 16.11 -10.81 21.62
C THR A 220 16.38 -9.45 21.10
N MET A 221 17.45 -9.26 20.38
CA MET A 221 17.69 -8.02 19.75
C MET A 221 18.44 -8.17 18.45
N LYS A 222 18.27 -7.21 17.58
CA LYS A 222 19.07 -7.08 16.39
C LYS A 222 20.42 -6.46 16.70
N VAL A 223 21.52 -6.99 16.22
CA VAL A 223 22.84 -6.42 16.49
C VAL A 223 23.59 -6.22 15.23
N GLY A 224 24.37 -5.10 15.16
CA GLY A 224 25.12 -4.86 13.98
C GLY A 224 24.39 -4.30 12.77
N GLY A 225 25.14 -3.97 11.71
CA GLY A 225 24.48 -3.42 10.51
C GLY A 225 23.90 -4.62 9.76
N ASN A 226 23.13 -4.31 8.76
CA ASN A 226 22.71 -5.37 7.89
C ASN A 226 23.86 -5.83 7.00
N LEU A 227 23.82 -7.06 6.52
CA LEU A 227 24.87 -7.65 5.73
C LEU A 227 24.78 -7.35 4.23
N ASP A 228 23.56 -7.09 3.77
CA ASP A 228 23.20 -6.74 2.41
C ASP A 228 21.96 -5.83 2.45
N SER A 229 21.57 -5.45 1.24
CA SER A 229 20.48 -4.51 1.01
C SER A 229 19.65 -4.91 -0.19
N LYS A 230 18.38 -5.30 0.04
CA LYS A 230 17.52 -5.84 -0.99
C LYS A 230 16.10 -5.50 -0.62
N GLY A 231 15.20 -6.17 -1.32
CA GLY A 231 13.77 -5.88 -1.22
C GLY A 231 12.94 -7.14 -1.45
N TYR A 232 11.68 -7.01 -0.99
CA TYR A 232 10.59 -7.96 -1.26
C TYR A 232 9.81 -7.46 -2.42
N GLY A 233 9.38 -8.32 -3.29
CA GLY A 233 8.56 -7.97 -4.45
C GLY A 233 7.34 -8.85 -4.54
N ILE A 234 6.30 -8.35 -5.23
CA ILE A 234 5.13 -9.20 -5.56
C ILE A 234 5.49 -9.96 -6.78
N ALA A 235 5.31 -11.27 -6.79
CA ALA A 235 5.74 -12.07 -7.91
C ALA A 235 4.58 -12.64 -8.69
N THR A 236 4.79 -12.76 -9.99
CA THR A 236 3.86 -13.36 -10.94
C THR A 236 4.62 -14.31 -11.88
N PRO A 237 3.83 -15.23 -12.48
CA PRO A 237 4.54 -16.12 -13.40
C PRO A 237 5.03 -15.28 -14.60
N LYS A 238 6.08 -15.81 -15.23
CA LYS A 238 6.80 -15.06 -16.21
C LYS A 238 5.87 -14.79 -17.35
N GLY A 239 6.01 -13.54 -17.76
CA GLY A 239 5.16 -12.98 -18.78
C GLY A 239 3.67 -12.72 -18.50
N SER A 240 3.20 -12.93 -17.24
CA SER A 240 1.82 -12.76 -16.84
C SER A 240 1.38 -11.29 -17.15
N SER A 241 0.11 -11.25 -17.52
CA SER A 241 -0.74 -10.05 -17.75
C SER A 241 -1.02 -9.23 -16.56
N LEU A 242 -0.86 -9.79 -15.38
CA LEU A 242 -1.12 -9.07 -14.15
C LEU A 242 0.11 -8.28 -13.72
N GLY A 243 1.28 -8.60 -14.20
CA GLY A 243 2.45 -8.02 -13.73
C GLY A 243 2.53 -6.49 -13.85
N ASN A 244 2.20 -5.94 -15.02
CA ASN A 244 2.24 -4.54 -15.19
C ASN A 244 1.36 -3.77 -14.19
N ALA A 245 0.11 -4.19 -14.10
CA ALA A 245 -0.84 -3.56 -13.18
C ALA A 245 -0.35 -3.64 -11.72
N VAL A 246 0.20 -4.79 -11.36
CA VAL A 246 0.62 -4.94 -9.97
C VAL A 246 1.76 -4.00 -9.67
N ASN A 247 2.73 -3.88 -10.56
CA ASN A 247 3.82 -2.96 -10.37
C ASN A 247 3.37 -1.52 -10.22
N LEU A 248 2.42 -1.13 -11.09
CA LEU A 248 1.93 0.24 -10.97
C LEU A 248 1.19 0.48 -9.65
N ALA A 249 0.48 -0.52 -9.18
CA ALA A 249 -0.13 -0.46 -7.88
C ALA A 249 0.84 -0.28 -6.72
N VAL A 250 1.95 -1.03 -6.75
CA VAL A 250 2.93 -0.90 -5.77
C VAL A 250 3.50 0.52 -5.71
N LEU A 251 3.83 0.99 -6.85
CA LEU A 251 4.29 2.40 -6.97
C LEU A 251 3.35 3.44 -6.47
N LYS A 252 2.08 3.27 -6.81
CA LYS A 252 1.07 4.24 -6.29
C LYS A 252 0.95 4.15 -4.82
N LEU A 253 0.90 2.94 -4.26
CA LEU A 253 0.76 2.74 -2.81
C LEU A 253 1.92 3.25 -2.02
N ASN A 254 3.12 3.12 -2.60
CA ASN A 254 4.30 3.62 -1.92
C ASN A 254 4.22 5.18 -1.93
N GLU A 255 3.84 5.74 -3.09
CA GLU A 255 3.79 7.23 -3.20
C GLU A 255 2.76 7.83 -2.32
N GLN A 256 1.68 7.11 -2.08
CA GLN A 256 0.60 7.67 -1.20
C GLN A 256 0.90 7.40 0.26
N GLY A 257 1.95 6.72 0.64
CA GLY A 257 2.37 6.47 2.02
C GLY A 257 1.70 5.29 2.65
N LEU A 258 0.97 4.52 1.87
CA LEU A 258 0.25 3.30 2.38
C LEU A 258 1.23 2.25 2.93
N LEU A 259 2.29 2.01 2.17
CA LEU A 259 3.20 1.00 2.61
C LEU A 259 3.92 1.35 3.97
N ASP A 260 4.23 2.60 4.18
CA ASP A 260 4.78 3.08 5.47
C ASP A 260 3.75 2.95 6.62
N LYS A 261 2.53 3.25 6.23
CA LYS A 261 1.38 3.16 7.21
C LYS A 261 1.24 1.71 7.61
N LEU A 262 1.24 0.78 6.65
CA LEU A 262 1.13 -0.64 6.96
C LEU A 262 2.24 -1.19 7.79
N LYS A 263 3.49 -0.76 7.48
CA LYS A 263 4.59 -1.13 8.28
C LYS A 263 4.42 -0.74 9.80
N ASN A 264 4.08 0.50 9.93
CA ASN A 264 3.86 1.00 11.32
C ASN A 264 2.76 0.22 12.02
N LYS A 265 1.71 -0.11 11.32
CA LYS A 265 0.54 -0.77 11.83
C LYS A 265 0.91 -2.14 12.40
N TRP A 266 1.75 -2.90 11.65
CA TRP A 266 2.03 -4.26 12.02
C TRP A 266 3.34 -4.51 12.78
N TRP A 267 4.19 -3.52 12.76
CA TRP A 267 5.43 -3.64 13.59
C TRP A 267 5.38 -2.89 14.93
N TYR A 268 5.06 -1.63 14.79
CA TYR A 268 5.38 -0.61 15.86
C TYR A 268 4.18 -0.17 16.58
N ASP A 269 3.01 -0.14 15.96
CA ASP A 269 1.83 0.43 16.67
C ASP A 269 1.36 -0.39 17.85
N LYS A 270 1.45 -1.71 17.71
CA LYS A 270 1.11 -2.71 18.76
C LYS A 270 2.44 -3.46 19.31
N GLY A 271 3.63 -2.90 19.14
CA GLY A 271 4.90 -3.40 19.78
C GLY A 271 4.60 -3.53 21.28
N GLU A 272 5.18 -4.55 21.91
CA GLU A 272 4.84 -5.04 23.27
C GLU A 272 6.01 -4.80 24.20
N CYS A 273 7.01 -4.02 23.77
CA CYS A 273 8.26 -3.88 24.46
C CYS A 273 8.58 -2.42 24.83
N THR B 17 -45.94 -17.13 -8.27
CA THR B 17 -45.17 -16.73 -7.00
C THR B 17 -44.18 -15.60 -7.40
N VAL B 18 -44.26 -14.53 -6.66
CA VAL B 18 -43.46 -13.33 -6.85
C VAL B 18 -42.08 -13.51 -6.24
N VAL B 19 -41.02 -13.30 -6.98
CA VAL B 19 -39.70 -13.42 -6.45
C VAL B 19 -39.37 -12.06 -5.89
N VAL B 20 -39.12 -11.97 -4.59
CA VAL B 20 -38.70 -10.72 -3.88
C VAL B 20 -37.23 -10.77 -3.72
N THR B 21 -36.48 -9.78 -4.14
CA THR B 21 -35.13 -9.60 -3.80
C THR B 21 -35.01 -8.66 -2.59
N THR B 22 -34.12 -9.00 -1.66
CA THR B 22 -33.82 -8.24 -0.47
C THR B 22 -32.38 -8.50 -0.07
N ILE B 23 -31.97 -7.84 1.01
CA ILE B 23 -30.59 -7.81 1.44
C ILE B 23 -30.58 -8.06 2.92
N LEU B 24 -29.50 -8.75 3.34
CA LEU B 24 -29.30 -9.02 4.74
C LEU B 24 -28.73 -7.75 5.37
N GLU B 25 -29.54 -7.02 6.07
CA GLU B 25 -29.18 -5.71 6.66
C GLU B 25 -30.06 -5.57 7.82
N SER B 26 -29.52 -5.44 9.04
CA SER B 26 -30.31 -5.32 10.23
C SER B 26 -30.88 -3.92 10.42
N PRO B 27 -32.09 -3.77 10.92
CA PRO B 27 -33.06 -4.81 11.34
C PRO B 27 -34.10 -5.06 10.27
N TYR B 28 -33.70 -4.88 9.03
CA TYR B 28 -34.64 -5.08 7.90
C TYR B 28 -34.90 -6.54 7.53
N VAL B 29 -33.82 -7.26 7.33
CA VAL B 29 -33.91 -8.69 7.04
C VAL B 29 -32.68 -9.33 7.73
N MET B 30 -33.00 -10.32 8.60
CA MET B 30 -32.01 -11.03 9.46
C MET B 30 -32.40 -12.49 9.41
N MET B 31 -31.35 -13.33 9.37
CA MET B 31 -31.49 -14.77 9.52
C MET B 31 -31.85 -15.06 11.01
N LYS B 32 -32.97 -15.74 11.23
CA LYS B 32 -33.37 -16.15 12.59
C LYS B 32 -32.27 -17.13 13.09
N LYS B 33 -31.91 -16.94 14.39
CA LYS B 33 -30.92 -17.82 14.99
C LYS B 33 -31.33 -19.32 14.69
N ASN B 34 -30.25 -20.00 14.24
CA ASN B 34 -30.26 -21.42 13.88
C ASN B 34 -31.25 -21.82 12.87
N HIS B 35 -31.63 -20.89 11.96
CA HIS B 35 -32.49 -21.23 10.82
C HIS B 35 -31.82 -21.47 9.51
N GLU B 36 -30.49 -21.52 9.49
CA GLU B 36 -29.78 -21.54 8.26
C GLU B 36 -30.12 -22.72 7.39
N MET B 37 -30.53 -23.82 8.03
CA MET B 37 -30.77 -25.08 7.33
C MET B 37 -32.25 -25.36 7.11
N LEU B 38 -33.16 -24.42 7.47
CA LEU B 38 -34.58 -24.51 7.26
C LEU B 38 -34.87 -23.92 5.85
N GLU B 39 -36.11 -23.99 5.46
CA GLU B 39 -36.50 -23.55 4.12
C GLU B 39 -37.56 -22.45 4.14
N GLY B 40 -37.44 -21.66 3.08
CA GLY B 40 -38.48 -20.73 2.79
C GLY B 40 -38.43 -19.46 3.65
N ASN B 41 -39.55 -18.78 3.56
CA ASN B 41 -39.58 -17.39 4.08
C ASN B 41 -39.46 -17.32 5.62
N GLU B 42 -39.79 -18.47 6.31
CA GLU B 42 -39.78 -18.47 7.83
C GLU B 42 -38.36 -18.37 8.37
N ARG B 43 -37.35 -18.55 7.55
CA ARG B 43 -35.94 -18.32 7.95
C ARG B 43 -35.62 -16.94 8.44
N TYR B 44 -36.37 -15.96 7.90
CA TYR B 44 -35.99 -14.53 8.06
C TYR B 44 -36.95 -13.79 8.95
N GLU B 45 -36.44 -12.72 9.55
CA GLU B 45 -37.21 -11.80 10.37
C GLU B 45 -36.72 -10.34 10.10
N GLY B 46 -37.61 -9.40 10.42
CA GLY B 46 -37.19 -8.00 10.44
C GLY B 46 -38.26 -7.17 9.81
N TYR B 47 -38.00 -5.86 9.81
CA TYR B 47 -38.92 -4.90 9.28
C TYR B 47 -39.42 -5.18 7.82
N CYS B 48 -38.44 -5.49 6.95
CA CYS B 48 -38.83 -5.72 5.58
C CYS B 48 -39.49 -7.04 5.38
N VAL B 49 -39.24 -8.01 6.26
CA VAL B 49 -39.99 -9.29 6.26
C VAL B 49 -41.42 -9.02 6.61
N ASP B 50 -41.68 -8.24 7.65
CA ASP B 50 -43.02 -7.94 8.07
C ASP B 50 -43.71 -7.05 6.97
N LEU B 51 -42.96 -6.08 6.38
CA LEU B 51 -43.50 -5.25 5.28
C LEU B 51 -43.90 -6.11 4.09
N ALA B 52 -43.01 -7.01 3.70
CA ALA B 52 -43.34 -7.90 2.58
C ALA B 52 -44.64 -8.69 2.83
N ALA B 53 -44.80 -9.25 4.02
CA ALA B 53 -46.05 -9.97 4.28
C ALA B 53 -47.25 -9.11 4.14
N GLU B 54 -47.21 -7.84 4.60
CA GLU B 54 -48.36 -6.98 4.50
C GLU B 54 -48.62 -6.53 3.04
N ILE B 55 -47.53 -6.21 2.34
CA ILE B 55 -47.69 -5.85 0.90
C ILE B 55 -48.35 -6.99 0.18
N ALA B 56 -47.84 -8.20 0.34
CA ALA B 56 -48.38 -9.37 -0.37
C ALA B 56 -49.82 -9.63 0.03
N LYS B 57 -50.17 -9.44 1.28
CA LYS B 57 -51.56 -9.62 1.77
C LYS B 57 -52.52 -8.61 1.11
N HIS B 58 -52.10 -7.33 1.09
CA HIS B 58 -52.93 -6.26 0.50
C HIS B 58 -53.02 -6.41 -1.02
N CYS B 59 -52.02 -6.87 -1.70
CA CYS B 59 -51.96 -6.97 -3.16
C CYS B 59 -52.44 -8.40 -3.59
N GLY B 60 -52.49 -9.36 -2.69
CA GLY B 60 -53.03 -10.68 -3.05
C GLY B 60 -52.11 -11.48 -3.85
N PHE B 61 -50.83 -11.54 -3.53
CA PHE B 61 -49.88 -12.46 -4.15
C PHE B 61 -49.07 -13.33 -3.14
N LYS B 62 -48.64 -14.50 -3.59
CA LYS B 62 -47.68 -15.34 -2.91
C LYS B 62 -46.30 -14.95 -3.35
N TYR B 63 -45.35 -15.18 -2.45
CA TYR B 63 -43.99 -14.73 -2.69
C TYR B 63 -42.91 -15.57 -2.12
N LYS B 64 -41.72 -15.40 -2.62
CA LYS B 64 -40.53 -16.04 -2.12
C LYS B 64 -39.50 -14.94 -1.86
N LEU B 65 -38.97 -14.84 -0.64
CA LEU B 65 -37.89 -14.01 -0.26
C LEU B 65 -36.59 -14.62 -0.73
N THR B 66 -35.77 -13.85 -1.41
CA THR B 66 -34.49 -14.23 -1.88
C THR B 66 -33.48 -13.12 -1.54
N ILE B 67 -32.32 -13.46 -1.11
CA ILE B 67 -31.26 -12.53 -0.81
C ILE B 67 -30.36 -12.30 -1.98
N VAL B 68 -30.21 -11.05 -2.37
CA VAL B 68 -29.51 -10.68 -3.55
C VAL B 68 -28.14 -11.38 -3.61
N GLY B 69 -27.79 -11.89 -4.81
CA GLY B 69 -26.68 -12.79 -4.80
C GLY B 69 -25.37 -12.09 -4.58
N ASP B 70 -25.21 -10.83 -5.00
CA ASP B 70 -23.94 -10.08 -4.84
C ASP B 70 -23.85 -9.27 -3.54
N GLY B 71 -24.94 -9.28 -2.77
CA GLY B 71 -24.89 -8.55 -1.52
C GLY B 71 -24.92 -7.05 -1.58
N LYS B 72 -25.31 -6.47 -2.73
CA LYS B 72 -25.21 -5.02 -3.00
C LYS B 72 -26.61 -4.43 -3.26
N TYR B 73 -26.67 -3.13 -3.00
CA TYR B 73 -27.93 -2.38 -3.20
C TYR B 73 -28.17 -2.16 -4.71
N GLY B 74 -27.21 -1.52 -5.38
CA GLY B 74 -27.29 -1.34 -6.81
C GLY B 74 -26.67 -0.05 -7.30
N ALA B 75 -25.77 -0.22 -8.28
CA ALA B 75 -25.06 0.85 -8.97
C ALA B 75 -24.74 0.28 -10.36
N ARG B 76 -24.55 1.26 -11.23
CA ARG B 76 -24.20 0.98 -12.62
C ARG B 76 -22.66 1.23 -12.77
N ASP B 77 -22.05 0.18 -13.22
CA ASP B 77 -20.58 0.26 -13.53
C ASP B 77 -20.34 1.27 -14.64
N ALA B 78 -19.37 2.18 -14.38
CA ALA B 78 -19.09 3.34 -15.24
C ALA B 78 -18.51 2.79 -16.56
N ASP B 79 -17.71 1.73 -16.47
CA ASP B 79 -17.12 1.12 -17.69
C ASP B 79 -18.06 0.23 -18.49
N THR B 80 -18.50 -0.88 -17.86
CA THR B 80 -19.41 -1.83 -18.51
C THR B 80 -20.88 -1.41 -18.57
N LYS B 81 -21.31 -0.47 -17.73
CA LYS B 81 -22.72 0.03 -17.67
C LYS B 81 -23.78 -1.01 -17.23
N ILE B 82 -23.32 -2.11 -16.62
CA ILE B 82 -24.14 -3.13 -16.05
C ILE B 82 -24.52 -2.68 -14.62
N TRP B 83 -25.81 -2.83 -14.35
CA TRP B 83 -26.26 -2.73 -13.00
C TRP B 83 -26.06 -3.97 -12.18
N ASN B 84 -25.61 -3.68 -10.92
CA ASN B 84 -25.39 -4.71 -9.96
C ASN B 84 -26.47 -4.68 -8.81
N GLY B 85 -26.36 -5.55 -7.85
CA GLY B 85 -27.19 -5.47 -6.69
C GLY B 85 -28.63 -5.74 -6.96
N MET B 86 -29.50 -5.30 -6.01
CA MET B 86 -30.92 -5.52 -6.17
C MET B 86 -31.45 -4.81 -7.41
N VAL B 87 -30.95 -3.60 -7.72
CA VAL B 87 -31.38 -2.88 -8.89
C VAL B 87 -31.15 -3.78 -10.09
N GLY B 88 -29.92 -4.35 -10.20
CA GLY B 88 -29.64 -5.20 -11.37
C GLY B 88 -30.51 -6.42 -11.38
N GLU B 89 -30.90 -7.03 -10.24
CA GLU B 89 -31.80 -8.13 -10.29
C GLU B 89 -33.16 -7.76 -10.90
N LEU B 90 -33.68 -6.56 -10.64
CA LEU B 90 -34.89 -6.08 -11.31
C LEU B 90 -34.66 -5.79 -12.79
N VAL B 91 -33.60 -5.11 -13.08
CA VAL B 91 -33.30 -4.67 -14.47
C VAL B 91 -33.20 -5.87 -15.37
N TYR B 92 -32.54 -6.87 -14.98
CA TYR B 92 -32.25 -8.08 -15.82
C TYR B 92 -33.29 -9.16 -15.72
N GLY B 93 -34.36 -8.95 -14.92
CA GLY B 93 -35.43 -9.90 -14.91
C GLY B 93 -35.24 -11.05 -13.98
N LYS B 94 -34.31 -10.93 -12.98
CA LYS B 94 -34.03 -12.03 -11.96
C LYS B 94 -35.01 -12.00 -10.78
N ALA B 95 -35.58 -10.85 -10.54
CA ALA B 95 -36.61 -10.73 -9.47
C ALA B 95 -37.74 -9.84 -9.89
N ASP B 96 -38.88 -9.95 -9.25
CA ASP B 96 -40.08 -9.23 -9.60
C ASP B 96 -40.32 -7.93 -8.78
N ILE B 97 -39.72 -7.87 -7.61
CA ILE B 97 -39.96 -6.79 -6.66
C ILE B 97 -38.79 -6.76 -5.70
N ALA B 98 -38.29 -5.59 -5.27
CA ALA B 98 -37.30 -5.44 -4.20
C ALA B 98 -37.99 -4.81 -3.02
N ILE B 99 -37.89 -5.45 -1.86
CA ILE B 99 -38.50 -4.97 -0.61
C ILE B 99 -37.34 -4.89 0.36
N ALA B 100 -36.73 -3.75 0.55
CA ALA B 100 -35.46 -3.56 1.18
C ALA B 100 -35.29 -2.08 1.52
N PRO B 101 -34.27 -1.73 2.31
CA PRO B 101 -33.92 -0.29 2.56
C PRO B 101 -33.19 0.26 1.31
N LEU B 102 -33.91 0.39 0.20
CA LEU B 102 -33.39 0.83 -1.09
C LEU B 102 -33.76 2.28 -1.36
N THR B 103 -32.77 3.15 -1.38
CA THR B 103 -32.97 4.56 -1.50
C THR B 103 -33.52 4.92 -2.87
N ILE B 104 -34.57 5.76 -2.89
CA ILE B 104 -35.09 6.35 -4.10
C ILE B 104 -34.10 7.39 -4.64
N THR B 105 -33.58 7.16 -5.81
CA THR B 105 -32.64 8.09 -6.46
C THR B 105 -33.05 8.24 -7.90
N LEU B 106 -32.69 9.42 -8.47
CA LEU B 106 -32.89 9.69 -9.91
C LEU B 106 -32.30 8.68 -10.85
N VAL B 107 -31.06 8.32 -10.64
CA VAL B 107 -30.42 7.39 -11.58
C VAL B 107 -31.12 6.05 -11.54
N ARG B 108 -31.65 5.66 -10.38
CA ARG B 108 -32.39 4.42 -10.31
C ARG B 108 -33.80 4.54 -10.91
N GLU B 109 -34.48 5.63 -10.61
CA GLU B 109 -35.84 5.81 -11.15
C GLU B 109 -35.86 5.89 -12.66
N GLU B 110 -34.73 6.15 -13.31
CA GLU B 110 -34.57 6.06 -14.79
C GLU B 110 -34.68 4.66 -15.32
N VAL B 111 -34.37 3.61 -14.51
CA VAL B 111 -34.37 2.25 -14.88
C VAL B 111 -35.30 1.27 -14.21
N ILE B 112 -35.81 1.64 -13.03
CA ILE B 112 -36.78 0.86 -12.27
C ILE B 112 -37.88 1.76 -11.75
N ASP B 113 -38.99 1.26 -11.28
CA ASP B 113 -40.03 2.09 -10.64
C ASP B 113 -39.96 1.99 -9.14
N PHE B 114 -40.22 3.04 -8.39
CA PHE B 114 -40.36 3.04 -6.94
C PHE B 114 -41.74 3.42 -6.55
N SER B 115 -42.24 2.80 -5.48
CA SER B 115 -43.38 3.30 -4.71
C SER B 115 -43.04 4.61 -4.11
N LYS B 116 -44.12 5.30 -3.59
CA LYS B 116 -43.84 6.35 -2.66
C LYS B 116 -43.08 5.81 -1.46
N PRO B 117 -42.29 6.62 -0.80
CA PRO B 117 -41.43 6.06 0.27
C PRO B 117 -42.20 5.55 1.45
N PHE B 118 -41.68 4.44 1.97
CA PHE B 118 -42.20 3.86 3.18
C PHE B 118 -41.51 4.27 4.49
N MET B 119 -40.33 4.87 4.33
CA MET B 119 -39.56 5.31 5.48
C MET B 119 -38.68 6.47 5.06
N SER B 120 -38.51 7.41 5.97
CA SER B 120 -37.65 8.53 5.75
C SER B 120 -36.27 8.27 6.36
N LEU B 121 -35.25 8.91 5.74
CA LEU B 121 -33.85 8.73 6.25
C LEU B 121 -33.06 9.92 5.72
N GLY B 122 -31.85 10.10 6.29
CA GLY B 122 -30.85 10.90 5.68
C GLY B 122 -29.48 10.38 6.00
N ILE B 123 -28.48 10.80 5.21
CA ILE B 123 -27.08 10.47 5.53
C ILE B 123 -26.72 11.05 6.87
N SER B 124 -25.98 10.29 7.69
CA SER B 124 -25.61 10.67 9.04
C SER B 124 -24.18 10.15 9.35
N ILE B 125 -23.69 10.58 10.54
CA ILE B 125 -22.36 10.23 10.97
C ILE B 125 -22.40 9.37 12.17
N MET B 126 -21.73 8.24 12.12
CA MET B 126 -21.50 7.28 13.25
C MET B 126 -20.10 7.41 13.76
N ILE B 127 -19.98 7.71 15.05
CA ILE B 127 -18.65 7.76 15.77
C ILE B 127 -18.68 6.71 16.84
N LYS B 128 -17.43 6.26 17.23
CA LYS B 128 -17.22 5.63 18.52
C LYS B 128 -17.32 6.74 19.58
N LYS B 129 -18.06 6.36 20.63
CA LYS B 129 -18.29 7.35 21.73
C LYS B 129 -16.96 8.00 22.19
N GLY B 130 -17.05 9.31 22.29
CA GLY B 130 -15.89 10.07 22.75
C GLY B 130 -15.06 10.68 21.62
N THR B 131 -15.33 10.24 20.38
CA THR B 131 -14.66 10.84 19.27
C THR B 131 -14.90 12.31 19.17
N PRO B 132 -13.97 13.27 18.96
CA PRO B 132 -14.19 14.68 19.00
C PRO B 132 -14.62 15.19 17.60
N ILE B 133 -15.83 14.77 17.21
CA ILE B 133 -16.48 15.16 15.93
C ILE B 133 -17.97 15.41 16.19
N GLU B 134 -18.50 16.56 15.74
CA GLU B 134 -19.91 16.87 15.95
C GLU B 134 -20.67 17.04 14.66
N SER B 135 -19.98 17.03 13.50
CA SER B 135 -20.54 17.44 12.22
C SER B 135 -19.70 17.08 11.04
N ALA B 136 -20.30 17.11 9.88
CA ALA B 136 -19.61 16.89 8.64
C ALA B 136 -18.52 17.93 8.47
N GLU B 137 -18.83 19.17 8.77
CA GLU B 137 -17.80 20.22 8.73
C GLU B 137 -16.62 19.87 9.55
N ASP B 138 -16.81 19.39 10.76
CA ASP B 138 -15.70 19.01 11.59
C ASP B 138 -14.91 17.89 10.89
N LEU B 139 -15.53 16.84 10.32
CA LEU B 139 -14.73 15.79 9.69
C LEU B 139 -13.86 16.45 8.55
N SER B 140 -14.46 17.31 7.74
CA SER B 140 -13.84 17.87 6.57
C SER B 140 -12.61 18.79 6.94
N LYS B 141 -12.54 19.28 8.13
CA LYS B 141 -11.52 20.28 8.57
C LYS B 141 -10.38 19.63 9.37
N GLN B 142 -10.29 18.32 9.30
CA GLN B 142 -9.25 17.55 9.99
C GLN B 142 -8.87 16.32 9.19
N THR B 143 -7.71 15.75 9.58
CA THR B 143 -7.16 14.58 8.94
C THR B 143 -6.79 13.39 9.86
N GLU B 144 -6.90 13.57 11.17
CA GLU B 144 -6.55 12.52 12.09
C GLU B 144 -7.48 11.30 12.04
N ILE B 145 -8.78 11.61 11.88
CA ILE B 145 -9.88 10.62 11.87
C ILE B 145 -10.29 10.37 10.43
N ALA B 146 -10.17 9.16 9.97
CA ALA B 146 -10.53 8.70 8.63
C ALA B 146 -12.06 8.59 8.61
N TYR B 147 -12.65 8.60 7.44
CA TYR B 147 -14.12 8.40 7.34
C TYR B 147 -14.46 7.94 5.96
N GLY B 148 -15.52 7.16 5.82
CA GLY B 148 -15.92 6.62 4.57
C GLY B 148 -17.34 6.07 4.58
N THR B 149 -17.76 5.42 3.52
CA THR B 149 -19.13 5.05 3.23
C THR B 149 -19.21 3.61 2.72
N LEU B 150 -20.35 3.09 2.58
CA LEU B 150 -20.64 1.81 1.89
C LEU B 150 -20.22 1.97 0.43
N ASP B 151 -19.49 0.97 -0.06
CA ASP B 151 -18.76 1.17 -1.30
C ASP B 151 -19.64 1.16 -2.46
N SER B 152 -20.85 0.56 -2.46
CA SER B 152 -21.70 0.55 -3.78
C SER B 152 -23.30 0.98 -3.78
N GLY B 153 -23.44 2.11 -3.12
CA GLY B 153 -24.74 2.55 -2.71
C GLY B 153 -24.94 4.06 -2.90
N SER B 154 -26.06 4.53 -2.35
CA SER B 154 -26.54 5.89 -2.61
C SER B 154 -25.71 6.90 -1.82
N THR B 155 -25.18 6.47 -0.64
CA THR B 155 -24.39 7.41 0.13
C THR B 155 -23.05 7.78 -0.62
N LYS B 156 -22.40 6.78 -1.19
CA LYS B 156 -21.20 7.05 -2.01
C LYS B 156 -21.53 7.96 -3.15
N GLU B 157 -22.65 7.66 -3.81
CA GLU B 157 -22.98 8.49 -4.96
C GLU B 157 -23.31 9.92 -4.52
N PHE B 158 -23.92 10.17 -3.36
CA PHE B 158 -24.21 11.48 -2.87
C PHE B 158 -22.92 12.29 -2.78
N PHE B 159 -21.86 11.73 -2.20
CA PHE B 159 -20.61 12.48 -2.08
C PHE B 159 -19.91 12.66 -3.50
N ARG B 160 -20.02 11.63 -4.31
CA ARG B 160 -19.38 11.66 -5.69
C ARG B 160 -19.98 12.78 -6.50
N ARG B 161 -21.27 13.05 -6.32
CA ARG B 161 -22.00 14.11 -7.04
C ARG B 161 -22.14 15.43 -6.39
N SER B 162 -21.81 15.67 -5.15
CA SER B 162 -22.18 16.83 -4.45
C SER B 162 -21.37 18.00 -4.93
N LYS B 163 -22.07 19.15 -5.02
CA LYS B 163 -21.45 20.43 -5.31
C LYS B 163 -21.39 21.33 -4.07
N ILE B 164 -21.82 20.86 -2.93
CA ILE B 164 -21.80 21.57 -1.75
C ILE B 164 -20.37 21.52 -1.18
N ALA B 165 -19.82 22.63 -0.73
CA ALA B 165 -18.39 22.77 -0.49
C ALA B 165 -17.90 21.71 0.48
N VAL B 166 -18.57 21.50 1.58
CA VAL B 166 -18.06 20.65 2.64
C VAL B 166 -18.09 19.21 2.07
N PHE B 167 -19.16 18.82 1.42
CA PHE B 167 -19.31 17.44 0.95
C PHE B 167 -18.32 17.14 -0.24
N ASP B 168 -18.05 18.14 -1.11
CA ASP B 168 -17.08 18.03 -2.16
C ASP B 168 -15.67 17.88 -1.54
N LYS B 169 -15.38 18.57 -0.50
CA LYS B 169 -14.05 18.43 0.22
C LYS B 169 -13.97 16.99 0.77
N MET B 170 -15.01 16.54 1.42
CA MET B 170 -15.02 15.16 1.94
C MET B 170 -14.81 14.15 0.83
N TRP B 171 -15.50 14.25 -0.32
CA TRP B 171 -15.30 13.36 -1.43
C TRP B 171 -13.82 13.38 -1.91
N THR B 172 -13.30 14.60 -2.09
CA THR B 172 -11.89 14.67 -2.55
C THR B 172 -11.01 13.85 -1.64
N TYR B 173 -11.20 13.95 -0.33
CA TYR B 173 -10.41 13.13 0.65
C TYR B 173 -10.76 11.62 0.42
N MET B 174 -12.04 11.24 0.45
CA MET B 174 -12.34 9.85 0.49
C MET B 174 -11.93 9.11 -0.74
N ARG B 175 -12.04 9.74 -1.92
CA ARG B 175 -11.86 8.99 -3.15
C ARG B 175 -10.41 8.55 -3.30
N SER B 176 -9.49 9.24 -2.68
CA SER B 176 -8.05 8.86 -2.77
C SER B 176 -7.39 8.47 -1.49
N ALA B 177 -8.14 8.29 -0.38
CA ALA B 177 -7.61 7.90 0.87
C ALA B 177 -7.07 6.47 0.83
N GLU B 178 -5.99 6.25 1.62
CA GLU B 178 -5.38 4.92 1.70
C GLU B 178 -5.08 4.62 3.18
N PRO B 179 -5.41 3.45 3.56
CA PRO B 179 -6.12 2.44 2.84
C PRO B 179 -7.59 2.84 2.59
N SER B 180 -8.22 2.14 1.66
CA SER B 180 -9.62 2.48 1.31
C SER B 180 -10.45 2.72 2.53
N VAL B 181 -11.19 3.80 2.45
CA VAL B 181 -12.17 4.16 3.51
C VAL B 181 -13.50 3.50 3.25
N PHE B 182 -13.77 2.93 2.11
CA PHE B 182 -15.03 2.31 1.78
C PHE B 182 -15.09 0.96 2.32
N VAL B 183 -16.30 0.44 2.49
CA VAL B 183 -16.57 -0.87 3.08
C VAL B 183 -17.57 -1.63 2.21
N ARG B 184 -17.61 -2.96 2.31
CA ARG B 184 -18.48 -3.78 1.47
C ARG B 184 -19.87 -3.94 2.02
N THR B 185 -20.00 -3.86 3.36
CA THR B 185 -21.23 -4.01 4.04
C THR B 185 -21.36 -3.07 5.21
N THR B 186 -22.62 -2.76 5.65
CA THR B 186 -22.78 -1.90 6.77
C THR B 186 -22.13 -2.45 7.97
N ALA B 187 -22.26 -3.78 8.16
CA ALA B 187 -21.71 -4.37 9.36
C ALA B 187 -20.15 -4.18 9.41
N GLU B 188 -19.47 -4.21 8.21
CA GLU B 188 -18.06 -4.00 8.18
C GLU B 188 -17.68 -2.53 8.65
N GLY B 189 -18.51 -1.57 8.20
CA GLY B 189 -18.30 -0.20 8.57
C GLY B 189 -18.44 -0.03 10.08
N VAL B 190 -19.49 -0.60 10.68
CA VAL B 190 -19.73 -0.51 12.12
C VAL B 190 -18.60 -1.17 12.91
N ALA B 191 -18.18 -2.35 12.39
CA ALA B 191 -17.03 -3.00 13.05
C ALA B 191 -15.76 -2.18 13.00
N ARG B 192 -15.54 -1.47 11.90
CA ARG B 192 -14.41 -0.64 11.69
C ARG B 192 -14.40 0.56 12.62
N VAL B 193 -15.57 1.18 12.81
CA VAL B 193 -15.67 2.21 13.86
C VAL B 193 -15.33 1.63 15.25
N ARG B 194 -15.94 0.52 15.57
CA ARG B 194 -15.74 -0.05 16.93
C ARG B 194 -14.32 -0.44 17.21
N LYS B 195 -13.57 -0.84 16.23
CA LYS B 195 -12.13 -1.24 16.39
C LYS B 195 -11.13 -0.19 16.23
N SER B 196 -11.48 0.99 15.75
CA SER B 196 -10.52 1.94 15.39
C SER B 196 -10.14 2.95 16.51
N LYS B 197 -10.59 2.73 17.77
CA LYS B 197 -10.20 3.63 18.89
C LYS B 197 -10.50 5.13 18.56
N GLY B 198 -11.59 5.34 17.82
CA GLY B 198 -12.02 6.71 17.52
C GLY B 198 -11.41 7.27 16.24
N LYS B 199 -10.58 6.52 15.47
CA LYS B 199 -9.91 7.04 14.30
C LYS B 199 -10.57 6.72 13.01
N TYR B 200 -11.80 6.19 13.07
CA TYR B 200 -12.62 6.00 11.90
C TYR B 200 -14.09 6.36 12.28
N ALA B 201 -14.66 7.16 11.44
CA ALA B 201 -16.10 7.55 11.51
C ALA B 201 -16.73 7.05 10.25
N TYR B 202 -17.96 6.62 10.34
CA TYR B 202 -18.68 5.99 9.24
C TYR B 202 -19.91 6.78 8.83
N LEU B 203 -20.07 7.00 7.54
CA LEU B 203 -21.19 7.80 6.99
C LEU B 203 -22.16 6.81 6.48
N LEU B 204 -23.39 6.78 7.09
CA LEU B 204 -24.41 5.83 6.76
C LEU B 204 -25.81 6.39 7.01
N GLU B 205 -26.80 5.72 6.56
CA GLU B 205 -28.17 6.26 6.73
C GLU B 205 -28.63 6.32 8.14
N SER B 206 -29.40 7.31 8.49
CA SER B 206 -29.84 7.53 9.86
C SER B 206 -30.54 6.35 10.44
N THR B 207 -31.37 5.66 9.66
CA THR B 207 -32.11 4.51 10.09
C THR B 207 -31.17 3.43 10.59
N MET B 208 -30.13 3.13 9.91
CA MET B 208 -29.18 2.08 10.33
C MET B 208 -28.37 2.62 11.53
N ASN B 209 -27.98 3.85 11.50
CA ASN B 209 -27.23 4.46 12.61
C ASN B 209 -27.98 4.36 13.90
N GLU B 210 -29.24 4.78 13.85
CA GLU B 210 -30.08 4.78 15.09
C GLU B 210 -30.37 3.42 15.56
N TYR B 211 -30.52 2.42 14.72
CA TYR B 211 -30.62 1.03 15.16
C TYR B 211 -29.37 0.61 15.94
N ILE B 212 -28.24 0.77 15.35
CA ILE B 212 -26.96 0.34 15.96
C ILE B 212 -26.70 1.02 17.27
N GLU B 213 -27.06 2.29 17.42
CA GLU B 213 -26.89 3.06 18.68
C GLU B 213 -27.65 2.42 19.79
N GLN B 214 -28.67 1.66 19.52
CA GLN B 214 -29.41 1.01 20.59
C GLN B 214 -29.05 -0.46 20.67
N ARG B 215 -27.97 -0.93 20.13
CA ARG B 215 -27.58 -2.30 20.32
C ARG B 215 -26.25 -2.33 21.13
N LYS B 216 -26.14 -3.43 21.93
CA LYS B 216 -24.88 -3.72 22.59
C LYS B 216 -23.84 -3.95 21.55
N PRO B 217 -22.61 -3.53 21.80
CA PRO B 217 -22.07 -3.04 23.04
C PRO B 217 -22.25 -1.60 23.39
N CYS B 218 -23.19 -0.88 22.69
CA CYS B 218 -23.56 0.47 23.09
C CYS B 218 -22.45 1.46 23.10
N ASP B 219 -21.56 1.37 22.09
CA ASP B 219 -20.38 2.09 21.98
C ASP B 219 -20.20 3.05 20.83
N THR B 220 -21.32 3.19 20.12
CA THR B 220 -21.35 4.15 18.97
C THR B 220 -22.46 5.14 19.19
N MET B 221 -22.39 6.22 18.48
CA MET B 221 -23.39 7.25 18.52
C MET B 221 -23.56 7.91 17.17
N LYS B 222 -24.76 8.39 16.94
CA LYS B 222 -25.03 9.35 15.87
C LYS B 222 -24.71 10.73 16.26
N VAL B 223 -23.98 11.51 15.49
CA VAL B 223 -23.68 12.91 15.76
C VAL B 223 -24.07 13.84 14.62
N GLY B 224 -24.54 15.06 15.02
CA GLY B 224 -24.89 16.07 14.02
C GLY B 224 -26.27 15.78 13.36
N GLY B 225 -26.62 16.73 12.53
CA GLY B 225 -27.91 16.61 11.83
C GLY B 225 -27.66 15.69 10.63
N ASN B 226 -28.75 15.26 10.03
CA ASN B 226 -28.58 14.53 8.79
C ASN B 226 -28.11 15.42 7.66
N LEU B 227 -27.43 14.88 6.67
CA LEU B 227 -26.79 15.63 5.60
C LEU B 227 -27.76 15.89 4.42
N ASP B 228 -28.79 15.07 4.40
CA ASP B 228 -29.81 15.09 3.33
C ASP B 228 -31.08 14.48 3.85
N SER B 229 -32.14 14.43 3.05
CA SER B 229 -33.47 13.97 3.48
C SER B 229 -34.04 13.23 2.26
N LYS B 230 -34.36 11.97 2.40
CA LYS B 230 -34.83 11.14 1.32
C LYS B 230 -35.59 9.95 1.94
N GLY B 231 -35.84 8.96 1.08
CA GLY B 231 -36.76 7.87 1.43
C GLY B 231 -36.33 6.60 0.78
N TYR B 232 -36.76 5.51 1.38
CA TYR B 232 -36.75 4.18 0.80
C TYR B 232 -38.03 3.88 0.15
N GLY B 233 -37.98 3.23 -0.99
CA GLY B 233 -39.15 2.79 -1.74
C GLY B 233 -39.11 1.31 -2.11
N ILE B 234 -40.27 0.76 -2.35
CA ILE B 234 -40.43 -0.58 -2.92
C ILE B 234 -40.21 -0.51 -4.40
N ALA B 235 -39.33 -1.25 -4.99
CA ALA B 235 -38.99 -1.15 -6.39
C ALA B 235 -39.48 -2.32 -7.19
N THR B 236 -39.91 -2.03 -8.45
CA THR B 236 -40.38 -3.02 -9.40
C THR B 236 -39.71 -2.69 -10.75
N PRO B 237 -39.62 -3.70 -11.60
CA PRO B 237 -39.12 -3.41 -12.93
C PRO B 237 -40.05 -2.41 -13.65
N LYS B 238 -39.45 -1.66 -14.56
CA LYS B 238 -40.14 -0.65 -15.20
C LYS B 238 -41.26 -1.09 -15.87
N GLY B 239 -42.26 -0.25 -15.66
CA GLY B 239 -43.60 -0.64 -16.08
C GLY B 239 -44.25 -1.95 -15.70
N SER B 240 -43.72 -2.75 -14.73
CA SER B 240 -44.42 -3.85 -14.13
C SER B 240 -45.83 -3.39 -13.67
N SER B 241 -46.64 -4.40 -13.80
CA SER B 241 -48.04 -4.44 -13.43
C SER B 241 -48.25 -4.46 -11.91
N LEU B 242 -47.27 -4.94 -11.15
CA LEU B 242 -47.36 -4.91 -9.72
C LEU B 242 -47.22 -3.54 -9.16
N GLY B 243 -46.61 -2.64 -9.89
CA GLY B 243 -46.23 -1.37 -9.32
C GLY B 243 -47.36 -0.50 -8.77
N ASN B 244 -48.48 -0.42 -9.54
CA ASN B 244 -49.63 0.32 -9.05
C ASN B 244 -50.21 -0.16 -7.71
N ALA B 245 -50.40 -1.46 -7.63
CA ALA B 245 -50.99 -2.06 -6.44
C ALA B 245 -50.02 -1.92 -5.22
N VAL B 246 -48.71 -2.05 -5.46
CA VAL B 246 -47.75 -1.86 -4.39
C VAL B 246 -47.75 -0.44 -3.83
N ASN B 247 -47.80 0.53 -4.74
CA ASN B 247 -47.80 1.86 -4.33
C ASN B 247 -49.10 2.21 -3.48
N LEU B 248 -50.25 1.70 -3.93
CA LEU B 248 -51.47 1.88 -3.14
C LEU B 248 -51.39 1.24 -1.79
N ALA B 249 -50.74 0.10 -1.74
CA ALA B 249 -50.57 -0.60 -0.49
C ALA B 249 -49.69 0.13 0.48
N VAL B 250 -48.54 0.69 0.03
CA VAL B 250 -47.71 1.53 0.87
C VAL B 250 -48.52 2.72 1.45
N LEU B 251 -49.30 3.39 0.60
CA LEU B 251 -50.13 4.51 1.12
C LEU B 251 -51.11 4.02 2.23
N LYS B 252 -51.74 2.87 1.99
CA LYS B 252 -52.69 2.34 2.97
C LYS B 252 -51.97 1.98 4.28
N LEU B 253 -50.81 1.33 4.23
CA LEU B 253 -50.07 0.90 5.35
C LEU B 253 -49.68 2.10 6.20
N ASN B 254 -49.23 3.17 5.47
CA ASN B 254 -48.91 4.40 6.19
C ASN B 254 -50.09 5.01 6.94
N GLU B 255 -51.20 5.11 6.23
CA GLU B 255 -52.37 5.74 6.84
C GLU B 255 -52.96 4.91 7.98
N GLN B 256 -52.71 3.62 8.00
CA GLN B 256 -53.26 2.75 9.05
C GLN B 256 -52.34 2.78 10.20
N GLY B 257 -51.18 3.40 10.15
CA GLY B 257 -50.21 3.48 11.21
C GLY B 257 -49.40 2.17 11.29
N LEU B 258 -49.44 1.33 10.25
CA LEU B 258 -48.70 0.06 10.28
C LEU B 258 -47.22 0.25 10.15
N LEU B 259 -46.85 1.25 9.26
CA LEU B 259 -45.44 1.53 9.13
C LEU B 259 -44.76 2.06 10.42
N ASP B 260 -45.54 2.88 11.14
CA ASP B 260 -45.10 3.37 12.48
C ASP B 260 -45.01 2.23 13.54
N LYS B 261 -45.98 1.37 13.44
CA LYS B 261 -45.93 0.16 14.34
C LYS B 261 -44.67 -0.67 14.07
N LEU B 262 -44.35 -0.93 12.78
CA LEU B 262 -43.18 -1.68 12.44
C LEU B 262 -41.87 -1.06 12.83
N LYS B 263 -41.79 0.27 12.60
CA LYS B 263 -40.66 1.00 13.09
C LYS B 263 -40.34 0.86 14.61
N ASN B 264 -41.43 1.05 15.35
CA ASN B 264 -41.30 0.90 16.86
C ASN B 264 -40.91 -0.48 17.19
N LYS B 265 -41.49 -1.44 16.51
CA LYS B 265 -41.18 -2.86 16.80
C LYS B 265 -39.72 -3.19 16.69
N TRP B 266 -39.12 -2.75 15.53
CA TRP B 266 -37.76 -3.10 15.18
C TRP B 266 -36.59 -2.15 15.64
N TRP B 267 -37.01 -0.94 15.97
CA TRP B 267 -36.08 0.00 16.55
C TRP B 267 -36.40 0.10 18.07
N TYR B 268 -37.36 0.87 18.45
CA TYR B 268 -37.56 1.23 19.92
C TYR B 268 -37.65 -0.02 20.80
N ASP B 269 -38.48 -0.97 20.36
CA ASP B 269 -38.79 -2.15 21.13
C ASP B 269 -37.58 -3.08 21.12
N LYS B 270 -36.69 -2.97 20.10
CA LYS B 270 -35.44 -3.75 20.17
C LYS B 270 -34.30 -3.12 21.01
N GLY B 271 -34.49 -1.95 21.62
CA GLY B 271 -33.34 -1.25 22.25
C GLY B 271 -32.73 -2.04 23.43
N GLU B 272 -31.42 -2.01 23.49
CA GLU B 272 -30.65 -2.78 24.50
C GLU B 272 -29.74 -1.89 25.31
N CYS B 273 -29.82 -0.57 25.15
CA CYS B 273 -28.80 0.34 25.71
C CYS B 273 -29.46 1.27 26.75
N THR C 17 26.82 1.45 -30.78
CA THR C 17 27.29 2.20 -29.49
C THR C 17 26.02 2.80 -28.82
N VAL C 18 25.82 2.43 -27.58
CA VAL C 18 24.62 2.82 -26.82
C VAL C 18 24.89 4.26 -26.29
N VAL C 19 23.93 5.12 -26.47
CA VAL C 19 24.00 6.49 -26.03
C VAL C 19 23.36 6.52 -24.60
N VAL C 20 24.21 6.85 -23.63
CA VAL C 20 23.83 6.89 -22.19
C VAL C 20 23.58 8.34 -21.90
N THR C 21 22.44 8.69 -21.37
CA THR C 21 22.22 10.05 -20.80
C THR C 21 22.47 9.98 -19.31
N THR C 22 23.11 11.00 -18.80
CA THR C 22 23.41 11.14 -17.40
C THR C 22 23.45 12.64 -17.05
N ILE C 23 23.72 12.91 -15.80
CA ILE C 23 23.60 14.24 -15.27
C ILE C 23 24.88 14.52 -14.43
N LEU C 24 25.40 15.77 -14.47
CA LEU C 24 26.47 16.11 -13.56
C LEU C 24 25.95 16.38 -12.20
N GLU C 25 26.22 15.46 -11.27
CA GLU C 25 25.61 15.46 -9.90
C GLU C 25 26.56 14.62 -9.08
N SER C 26 27.24 15.27 -8.07
CA SER C 26 28.18 14.55 -7.32
C SER C 26 27.51 13.65 -6.25
N PRO C 27 28.10 12.46 -5.96
CA PRO C 27 29.34 11.87 -6.54
C PRO C 27 29.06 10.88 -7.67
N TYR C 28 27.90 11.11 -8.32
CA TYR C 28 27.45 10.20 -9.37
C TYR C 28 28.19 10.32 -10.69
N VAL C 29 28.29 11.55 -11.15
CA VAL C 29 29.08 11.86 -12.38
C VAL C 29 29.68 13.22 -12.17
N MET C 30 31.00 13.21 -12.25
CA MET C 30 31.81 14.44 -12.04
C MET C 30 32.82 14.54 -13.12
N MET C 31 33.22 15.77 -13.46
CA MET C 31 34.41 15.84 -14.32
C MET C 31 35.66 15.55 -13.50
N LYS C 32 36.56 14.73 -14.06
CA LYS C 32 37.93 14.50 -13.48
C LYS C 32 38.67 15.84 -13.41
N LYS C 33 39.52 15.97 -12.40
CA LYS C 33 40.45 17.16 -12.35
C LYS C 33 41.10 17.45 -13.65
N ASN C 34 41.66 16.42 -14.27
CA ASN C 34 42.33 16.58 -15.57
C ASN C 34 41.52 16.39 -16.85
N HIS C 35 40.22 16.65 -16.76
CA HIS C 35 39.30 16.38 -17.85
C HIS C 35 39.63 16.99 -19.19
N GLU C 36 40.30 18.15 -19.19
CA GLU C 36 40.58 18.89 -20.43
C GLU C 36 41.57 18.17 -21.32
N MET C 37 42.39 17.31 -20.73
CA MET C 37 43.34 16.44 -21.52
C MET C 37 42.89 15.00 -21.83
N LEU C 38 41.62 14.76 -21.55
CA LEU C 38 40.94 13.46 -21.75
C LEU C 38 39.81 13.56 -22.76
N GLU C 39 39.41 12.42 -23.28
CA GLU C 39 38.41 12.37 -24.36
C GLU C 39 37.32 11.35 -23.95
N GLY C 40 36.11 11.64 -24.42
CA GLY C 40 35.02 10.72 -24.37
C GLY C 40 34.72 10.38 -22.93
N ASN C 41 34.47 9.08 -22.70
CA ASN C 41 34.03 8.56 -21.43
C ASN C 41 35.02 8.82 -20.29
N GLU C 42 36.29 8.93 -20.68
CA GLU C 42 37.38 9.15 -19.76
C GLU C 42 37.43 10.47 -19.05
N ARG C 43 36.65 11.45 -19.54
CA ARG C 43 36.51 12.75 -18.89
C ARG C 43 35.88 12.72 -17.52
N TYR C 44 35.09 11.65 -17.27
CA TYR C 44 34.21 11.63 -16.11
C TYR C 44 34.55 10.58 -15.11
N GLU C 45 34.12 10.77 -13.86
CA GLU C 45 34.25 9.79 -12.85
C GLU C 45 33.08 9.87 -11.90
N GLY C 46 32.93 8.80 -11.15
CA GLY C 46 31.84 8.75 -10.15
C GLY C 46 31.14 7.42 -10.08
N TYR C 47 30.21 7.34 -9.17
CA TYR C 47 29.48 6.14 -8.94
C TYR C 47 28.77 5.60 -10.20
N CYS C 48 28.08 6.56 -10.87
CA CYS C 48 27.34 6.24 -12.14
C CYS C 48 28.25 5.90 -13.28
N VAL C 49 29.44 6.57 -13.35
CA VAL C 49 30.48 6.20 -14.31
C VAL C 49 30.96 4.75 -14.12
N ASP C 50 31.24 4.36 -12.85
CA ASP C 50 31.63 3.02 -12.55
C ASP C 50 30.50 2.04 -12.82
N LEU C 51 29.28 2.42 -12.44
CA LEU C 51 28.12 1.56 -12.69
C LEU C 51 27.88 1.36 -14.17
N ALA C 52 27.99 2.42 -14.98
CA ALA C 52 27.79 2.31 -16.43
C ALA C 52 28.78 1.27 -17.01
N ALA C 53 30.04 1.40 -16.55
CA ALA C 53 31.04 0.45 -17.08
C ALA C 53 30.76 -0.99 -16.73
N GLU C 54 30.25 -1.21 -15.51
CA GLU C 54 29.89 -2.54 -15.12
C GLU C 54 28.65 -3.06 -15.87
N ILE C 55 27.60 -2.26 -16.02
CA ILE C 55 26.41 -2.66 -16.75
C ILE C 55 26.82 -3.00 -18.19
N ALA C 56 27.63 -2.14 -18.81
CA ALA C 56 28.03 -2.36 -20.24
C ALA C 56 28.82 -3.65 -20.33
N LYS C 57 29.67 -3.91 -19.36
CA LYS C 57 30.52 -5.16 -19.37
C LYS C 57 29.66 -6.43 -19.26
N HIS C 58 28.69 -6.41 -18.32
CA HIS C 58 27.79 -7.55 -18.15
C HIS C 58 26.82 -7.72 -19.30
N CYS C 59 26.41 -6.65 -19.97
CA CYS C 59 25.45 -6.71 -21.06
C CYS C 59 26.09 -6.79 -22.45
N GLY C 60 27.38 -6.58 -22.46
CA GLY C 60 28.12 -6.66 -23.73
C GLY C 60 27.79 -5.60 -24.74
N PHE C 61 27.88 -4.33 -24.35
CA PHE C 61 27.70 -3.25 -25.23
C PHE C 61 28.80 -2.19 -25.01
N LYS C 62 29.07 -1.51 -26.11
CA LYS C 62 29.87 -0.29 -26.09
C LYS C 62 28.96 0.90 -25.92
N TYR C 63 29.53 1.96 -25.33
CA TYR C 63 28.64 3.08 -24.91
C TYR C 63 29.34 4.44 -24.93
N LYS C 64 28.55 5.48 -25.02
CA LYS C 64 28.98 6.87 -25.00
C LYS C 64 28.19 7.59 -23.88
N LEU C 65 28.88 8.09 -22.89
CA LEU C 65 28.32 8.94 -21.86
C LEU C 65 28.05 10.31 -22.43
N THR C 66 26.88 10.83 -22.24
CA THR C 66 26.45 12.12 -22.68
C THR C 66 25.74 12.85 -21.61
N ILE C 67 26.08 14.07 -21.27
CA ILE C 67 25.36 14.87 -20.28
C ILE C 67 24.08 15.45 -20.80
N VAL C 68 22.94 15.24 -20.11
CA VAL C 68 21.66 15.73 -20.50
C VAL C 68 21.71 17.22 -20.85
N GLY C 69 21.14 17.48 -22.00
CA GLY C 69 21.28 18.80 -22.56
C GLY C 69 20.75 19.90 -21.71
N ASP C 70 19.61 19.70 -21.09
CA ASP C 70 18.96 20.68 -20.27
C ASP C 70 19.30 20.65 -18.78
N GLY C 71 20.17 19.72 -18.35
CA GLY C 71 20.57 19.62 -16.96
C GLY C 71 19.50 19.28 -15.97
N LYS C 72 18.46 18.61 -16.49
CA LYS C 72 17.30 18.19 -15.68
C LYS C 72 17.07 16.68 -15.59
N TYR C 73 16.45 16.27 -14.48
CA TYR C 73 16.05 14.85 -14.25
C TYR C 73 14.89 14.42 -15.17
N GLY C 74 13.81 15.18 -15.06
CA GLY C 74 12.67 14.89 -15.94
C GLY C 74 11.33 15.14 -15.27
N ALA C 75 10.55 16.06 -15.88
CA ALA C 75 9.18 16.31 -15.56
C ALA C 75 8.42 16.67 -16.84
N ARG C 76 7.11 16.53 -16.73
CA ARG C 76 6.17 16.76 -17.85
C ARG C 76 5.48 18.13 -17.70
N ASP C 77 5.61 18.90 -18.74
CA ASP C 77 4.88 20.18 -18.81
C ASP C 77 3.38 19.93 -18.75
N ALA C 78 2.74 20.60 -17.79
CA ALA C 78 1.29 20.34 -17.53
C ALA C 78 0.40 20.76 -18.70
N ASP C 79 0.86 21.76 -19.46
CA ASP C 79 0.11 22.26 -20.61
C ASP C 79 0.43 21.60 -21.94
N THR C 80 1.69 21.38 -22.27
CA THR C 80 2.04 20.80 -23.54
C THR C 80 2.15 19.24 -23.46
N LYS C 81 2.33 18.75 -22.25
CA LYS C 81 2.60 17.30 -21.98
C LYS C 81 3.90 16.79 -22.45
N ILE C 82 4.85 17.70 -22.71
CA ILE C 82 6.17 17.39 -23.18
C ILE C 82 7.12 17.19 -21.98
N TRP C 83 7.85 16.05 -22.04
CA TRP C 83 8.82 15.74 -21.01
C TRP C 83 10.15 16.37 -21.29
N ASN C 84 10.77 16.83 -20.21
CA ASN C 84 12.10 17.35 -20.24
C ASN C 84 13.11 16.48 -19.57
N GLY C 85 14.33 16.90 -19.49
CA GLY C 85 15.37 16.12 -18.76
C GLY C 85 15.74 14.83 -19.38
N MET C 86 16.40 13.95 -18.56
CA MET C 86 16.76 12.65 -18.99
C MET C 86 15.54 11.77 -19.41
N VAL C 87 14.45 12.00 -18.74
CA VAL C 87 13.23 11.29 -19.11
C VAL C 87 12.86 11.61 -20.53
N GLY C 88 12.88 12.88 -20.87
CA GLY C 88 12.53 13.36 -22.26
C GLY C 88 13.51 12.81 -23.21
N GLU C 89 14.78 12.80 -22.92
CA GLU C 89 15.81 12.22 -23.83
C GLU C 89 15.49 10.79 -24.22
N LEU C 90 14.98 10.00 -23.26
CA LEU C 90 14.54 8.62 -23.55
C LEU C 90 13.25 8.62 -24.30
N VAL C 91 12.29 9.36 -23.89
CA VAL C 91 10.97 9.39 -24.53
C VAL C 91 11.05 9.78 -25.97
N TYR C 92 11.85 10.72 -26.33
CA TYR C 92 11.98 11.23 -27.70
C TYR C 92 13.06 10.64 -28.54
N GLY C 93 13.74 9.66 -28.01
CA GLY C 93 14.65 8.88 -28.84
C GLY C 93 16.05 9.46 -28.92
N LYS C 94 16.45 10.34 -28.01
CA LYS C 94 17.76 11.01 -28.04
C LYS C 94 18.83 10.20 -27.34
N ALA C 95 18.44 9.33 -26.44
CA ALA C 95 19.33 8.44 -25.72
C ALA C 95 18.72 7.06 -25.59
N ASP C 96 19.54 6.07 -25.37
CA ASP C 96 19.15 4.68 -25.29
C ASP C 96 18.95 4.17 -23.89
N ILE C 97 19.62 4.81 -22.94
CA ILE C 97 19.61 4.42 -21.51
C ILE C 97 19.97 5.58 -20.68
N ALA C 98 19.42 5.72 -19.48
CA ALA C 98 19.77 6.80 -18.50
C ALA C 98 20.40 6.05 -17.31
N ILE C 99 21.60 6.40 -16.94
CA ILE C 99 22.35 5.82 -15.81
C ILE C 99 22.67 7.03 -14.93
N ALA C 100 21.89 7.22 -13.88
CA ALA C 100 21.86 8.38 -13.13
C ALA C 100 21.13 8.17 -11.82
N PRO C 101 21.14 9.15 -10.91
CA PRO C 101 20.34 9.05 -9.71
C PRO C 101 18.88 9.53 -10.01
N LEU C 102 18.23 8.68 -10.79
CA LEU C 102 16.86 8.95 -11.34
C LEU C 102 15.82 8.14 -10.55
N THR C 103 14.98 8.84 -9.86
CA THR C 103 14.07 8.21 -8.90
C THR C 103 12.99 7.53 -9.75
N ILE C 104 12.62 6.33 -9.24
CA ILE C 104 11.54 5.53 -9.85
C ILE C 104 10.25 6.13 -9.32
N THR C 105 9.40 6.55 -10.21
CA THR C 105 8.13 7.19 -9.92
C THR C 105 7.01 6.69 -10.84
N LEU C 106 5.79 6.61 -10.31
CA LEU C 106 4.64 6.22 -11.11
C LEU C 106 4.51 6.96 -12.40
N VAL C 107 4.58 8.28 -12.36
CA VAL C 107 4.37 9.05 -13.58
C VAL C 107 5.42 8.77 -14.62
N ARG C 108 6.64 8.49 -14.19
CA ARG C 108 7.67 8.20 -15.12
C ARG C 108 7.57 6.78 -15.64
N GLU C 109 7.17 5.81 -14.77
CA GLU C 109 7.07 4.42 -15.20
C GLU C 109 5.95 4.27 -16.24
N GLU C 110 5.03 5.19 -16.30
CA GLU C 110 4.07 5.25 -17.36
C GLU C 110 4.62 5.49 -18.75
N VAL C 111 5.80 6.14 -18.91
CA VAL C 111 6.41 6.53 -20.15
C VAL C 111 7.80 5.93 -20.48
N ILE C 112 8.53 5.44 -19.46
CA ILE C 112 9.81 4.80 -19.61
C ILE C 112 9.82 3.51 -18.74
N ASP C 113 10.78 2.66 -18.92
CA ASP C 113 11.00 1.50 -18.06
C ASP C 113 12.13 1.72 -17.10
N PHE C 114 12.06 1.19 -15.92
CA PHE C 114 13.12 1.23 -14.89
C PHE C 114 13.51 -0.19 -14.49
N SER C 115 14.77 -0.41 -14.29
CA SER C 115 15.32 -1.58 -13.62
C SER C 115 14.83 -1.55 -12.19
N LYS C 116 14.99 -2.75 -11.53
CA LYS C 116 14.89 -2.77 -10.08
C LYS C 116 15.90 -1.74 -9.48
N PRO C 117 15.64 -1.18 -8.39
CA PRO C 117 16.51 -0.09 -7.88
C PRO C 117 17.88 -0.58 -7.56
N PHE C 118 18.83 0.30 -7.87
CA PHE C 118 20.26 0.00 -7.55
C PHE C 118 20.70 0.74 -6.24
N MET C 119 19.89 1.63 -5.72
CA MET C 119 20.23 2.40 -4.53
C MET C 119 18.94 2.89 -3.89
N SER C 120 18.93 2.87 -2.56
CA SER C 120 17.84 3.39 -1.79
C SER C 120 18.03 4.79 -1.36
N LEU C 121 16.96 5.54 -1.19
CA LEU C 121 17.00 6.90 -0.73
C LEU C 121 15.69 7.32 -0.15
N GLY C 122 15.66 8.46 0.53
CA GLY C 122 14.45 9.19 0.89
C GLY C 122 14.66 10.64 0.89
N ILE C 123 13.62 11.48 0.74
CA ILE C 123 13.69 12.86 0.91
C ILE C 123 14.17 13.17 2.35
N SER C 124 15.04 14.14 2.45
CA SER C 124 15.66 14.53 3.74
C SER C 124 15.83 16.03 3.77
N ILE C 125 16.26 16.53 4.95
CA ILE C 125 16.48 17.97 5.19
C ILE C 125 17.95 18.24 5.42
N MET C 126 18.47 19.22 4.67
CA MET C 126 19.83 19.75 4.88
C MET C 126 19.72 21.13 5.51
N ILE C 127 20.46 21.24 6.64
CA ILE C 127 20.64 22.56 7.32
C ILE C 127 22.09 22.93 7.37
N LYS C 128 22.30 24.27 7.54
CA LYS C 128 23.59 24.78 7.96
C LYS C 128 23.71 24.37 9.47
N LYS C 129 24.90 23.94 9.86
CA LYS C 129 25.08 23.51 11.26
C LYS C 129 24.56 24.62 12.21
N GLY C 130 23.87 24.18 13.20
CA GLY C 130 23.31 25.04 14.26
C GLY C 130 21.95 25.63 14.03
N THR C 131 21.45 25.42 12.81
CA THR C 131 20.10 25.85 12.53
C THR C 131 19.10 25.11 13.42
N PRO C 132 18.12 25.87 14.11
CA PRO C 132 17.27 25.28 15.10
C PRO C 132 16.05 24.57 14.47
N ILE C 133 16.33 23.47 13.72
CA ILE C 133 15.31 22.71 13.02
C ILE C 133 15.69 21.24 13.16
N GLU C 134 14.74 20.41 13.57
CA GLU C 134 14.98 18.96 13.78
C GLU C 134 14.19 18.03 12.86
N SER C 135 13.26 18.61 12.13
CA SER C 135 12.19 17.82 11.46
C SER C 135 11.40 18.72 10.47
N ALA C 136 10.73 18.00 9.59
CA ALA C 136 9.80 18.65 8.68
C ALA C 136 8.71 19.47 9.41
N GLU C 137 8.20 18.85 10.47
CA GLU C 137 7.20 19.51 11.32
C GLU C 137 7.72 20.80 11.88
N ASP C 138 9.00 20.82 12.29
CA ASP C 138 9.60 22.07 12.77
C ASP C 138 9.61 23.12 11.66
N LEU C 139 10.01 22.74 10.42
CA LEU C 139 10.03 23.69 9.33
C LEU C 139 8.60 24.29 9.11
N SER C 140 7.58 23.43 9.14
CA SER C 140 6.20 23.80 8.73
C SER C 140 5.57 24.77 9.73
N LYS C 141 6.07 24.74 10.97
CA LYS C 141 5.56 25.57 12.13
C LYS C 141 6.18 26.95 12.31
N GLN C 142 7.05 27.35 11.41
CA GLN C 142 7.81 28.58 11.60
C GLN C 142 7.98 29.19 10.27
N THR C 143 8.48 30.41 10.27
CA THR C 143 8.55 31.19 9.07
C THR C 143 9.90 31.94 8.90
N GLU C 144 10.74 31.95 9.91
CA GLU C 144 11.98 32.67 9.79
C GLU C 144 12.95 32.00 8.78
N ILE C 145 12.96 30.68 8.80
CA ILE C 145 13.85 29.87 8.00
C ILE C 145 13.05 29.44 6.77
N ALA C 146 13.55 29.90 5.63
CA ALA C 146 12.92 29.56 4.28
C ALA C 146 13.40 28.10 3.93
N TYR C 147 12.66 27.45 3.06
CA TYR C 147 13.03 26.09 2.60
C TYR C 147 12.47 25.76 1.27
N GLY C 148 13.21 25.00 0.47
CA GLY C 148 12.68 24.61 -0.84
C GLY C 148 13.34 23.38 -1.34
N THR C 149 13.14 23.10 -2.63
CA THR C 149 13.51 21.89 -3.31
C THR C 149 14.09 22.21 -4.73
N LEU C 150 14.62 21.17 -5.36
CA LEU C 150 15.02 21.22 -6.78
C LEU C 150 13.76 21.37 -7.63
N ASP C 151 13.88 22.07 -8.75
CA ASP C 151 12.90 21.95 -9.89
C ASP C 151 12.98 20.73 -10.74
N SER C 152 11.89 20.33 -11.37
CA SER C 152 11.83 19.20 -12.37
C SER C 152 12.32 17.90 -11.92
N GLY C 153 12.17 17.71 -10.58
CA GLY C 153 12.46 16.45 -10.03
C GLY C 153 11.37 15.88 -9.16
N SER C 154 11.70 14.74 -8.66
CA SER C 154 10.73 13.95 -7.87
C SER C 154 10.49 14.53 -6.48
N THR C 155 11.44 15.26 -5.87
CA THR C 155 11.08 15.85 -4.56
C THR C 155 10.05 16.92 -4.67
N LYS C 156 10.12 17.84 -5.65
CA LYS C 156 9.09 18.89 -5.81
C LYS C 156 7.75 18.18 -5.99
N GLU C 157 7.69 17.16 -6.84
CA GLU C 157 6.40 16.45 -7.04
C GLU C 157 5.89 15.86 -5.80
N PHE C 158 6.73 15.32 -4.93
CA PHE C 158 6.31 14.73 -3.66
C PHE C 158 5.56 15.83 -2.91
N PHE C 159 6.00 17.05 -2.79
CA PHE C 159 5.31 18.03 -2.02
C PHE C 159 4.03 18.49 -2.69
N ARG C 160 4.11 18.68 -4.01
CA ARG C 160 2.93 19.04 -4.81
C ARG C 160 1.78 18.06 -4.62
N ARG C 161 2.06 16.78 -4.54
CA ARG C 161 1.07 15.73 -4.40
C ARG C 161 0.72 15.27 -3.00
N SER C 162 1.47 15.59 -1.94
CA SER C 162 1.23 14.98 -0.63
C SER C 162 -0.08 15.47 0.00
N LYS C 163 -0.79 14.52 0.60
CA LYS C 163 -1.93 14.86 1.46
C LYS C 163 -1.62 14.81 2.97
N ILE C 164 -0.39 14.46 3.31
CA ILE C 164 0.04 14.44 4.71
C ILE C 164 0.11 15.87 5.12
N ALA C 165 -0.52 16.16 6.29
CA ALA C 165 -0.76 17.49 6.67
C ALA C 165 0.48 18.40 6.69
N VAL C 166 1.56 17.90 7.33
CA VAL C 166 2.77 18.71 7.45
C VAL C 166 3.31 19.07 6.03
N PHE C 167 3.23 18.08 5.17
CA PHE C 167 3.86 18.22 3.85
C PHE C 167 3.01 19.13 2.97
N ASP C 168 1.68 19.04 3.08
CA ASP C 168 0.76 19.99 2.43
C ASP C 168 0.93 21.43 2.87
N LYS C 169 1.09 21.56 4.17
CA LYS C 169 1.40 22.83 4.69
C LYS C 169 2.72 23.43 4.10
N MET C 170 3.77 22.60 4.11
CA MET C 170 5.00 23.03 3.45
C MET C 170 4.86 23.41 2.01
N TRP C 171 4.12 22.62 1.25
CA TRP C 171 3.90 22.95 -0.16
C TRP C 171 3.15 24.31 -0.40
N THR C 172 2.10 24.53 0.37
CA THR C 172 1.42 25.77 0.26
C THR C 172 2.37 26.94 0.49
N TYR C 173 3.27 26.75 1.46
CA TYR C 173 4.26 27.81 1.69
C TYR C 173 5.15 27.93 0.50
N MET C 174 5.78 26.79 0.12
CA MET C 174 6.85 26.86 -0.90
C MET C 174 6.38 27.30 -2.25
N ARG C 175 5.20 26.85 -2.65
CA ARG C 175 4.73 27.17 -4.00
C ARG C 175 4.43 28.65 -4.13
N SER C 176 4.13 29.35 -3.01
CA SER C 176 3.86 30.80 -3.07
C SER C 176 4.93 31.71 -2.56
N ALA C 177 6.00 31.16 -1.99
CA ALA C 177 6.96 31.99 -1.32
C ALA C 177 7.73 32.90 -2.27
N GLU C 178 8.05 34.10 -1.77
CA GLU C 178 8.80 35.10 -2.55
C GLU C 178 9.93 35.62 -1.66
N PRO C 179 11.15 35.71 -2.17
CA PRO C 179 11.53 35.23 -3.49
C PRO C 179 11.44 33.74 -3.55
N SER C 180 11.63 33.22 -4.75
CA SER C 180 11.49 31.81 -5.02
C SER C 180 12.40 30.94 -4.10
N VAL C 181 11.84 29.86 -3.56
CA VAL C 181 12.61 28.84 -2.71
C VAL C 181 13.15 27.63 -3.51
N PHE C 182 12.85 27.57 -4.81
CA PHE C 182 13.21 26.44 -5.66
C PHE C 182 14.56 26.78 -6.33
N VAL C 183 15.29 25.73 -6.71
CA VAL C 183 16.59 25.86 -7.31
C VAL C 183 16.73 25.04 -8.57
N ARG C 184 17.66 25.44 -9.46
CA ARG C 184 17.82 24.70 -10.74
C ARG C 184 18.64 23.44 -10.69
N THR C 185 19.58 23.41 -9.71
CA THR C 185 20.49 22.30 -9.48
C THR C 185 20.71 22.04 -8.02
N THR C 186 21.10 20.79 -7.72
CA THR C 186 21.45 20.44 -6.36
C THR C 186 22.51 21.37 -5.83
N ALA C 187 23.54 21.63 -6.63
CA ALA C 187 24.62 22.50 -6.20
C ALA C 187 24.18 23.87 -5.82
N GLU C 188 23.20 24.43 -6.51
CA GLU C 188 22.58 25.74 -6.16
C GLU C 188 21.86 25.68 -4.80
N GLY C 189 21.16 24.60 -4.52
CA GLY C 189 20.51 24.47 -3.21
C GLY C 189 21.53 24.43 -2.10
N VAL C 190 22.55 23.64 -2.24
CA VAL C 190 23.66 23.40 -1.24
C VAL C 190 24.34 24.76 -1.00
N ALA C 191 24.62 25.50 -2.06
CA ALA C 191 25.23 26.82 -1.90
C ALA C 191 24.35 27.76 -1.24
N ARG C 192 23.07 27.71 -1.45
CA ARG C 192 22.11 28.59 -0.81
C ARG C 192 22.01 28.29 0.73
N VAL C 193 22.03 27.02 1.10
CA VAL C 193 22.20 26.69 2.54
C VAL C 193 23.47 27.39 3.06
N ARG C 194 24.55 27.17 2.41
CA ARG C 194 25.89 27.49 3.00
C ARG C 194 26.01 28.97 3.21
N LYS C 195 25.39 29.75 2.35
CA LYS C 195 25.56 31.23 2.38
C LYS C 195 24.42 31.92 3.13
N SER C 196 23.39 31.20 3.56
CA SER C 196 22.26 31.87 4.08
C SER C 196 22.26 32.02 5.62
N LYS C 197 23.36 31.73 6.31
CA LYS C 197 23.41 32.08 7.77
C LYS C 197 22.37 31.38 8.64
N GLY C 198 21.93 30.20 8.17
CA GLY C 198 20.93 29.42 8.89
C GLY C 198 19.51 29.73 8.46
N LYS C 199 19.30 30.64 7.47
CA LYS C 199 17.93 30.97 7.15
C LYS C 199 17.33 30.34 5.87
N TYR C 200 18.03 29.33 5.35
CA TYR C 200 17.53 28.51 4.23
C TYR C 200 17.86 27.05 4.63
N ALA C 201 16.84 26.19 4.56
CA ALA C 201 16.96 24.73 4.65
C ALA C 201 16.61 24.14 3.28
N TYR C 202 17.29 23.09 2.90
CA TYR C 202 17.11 22.52 1.54
C TYR C 202 16.59 21.08 1.68
N LEU C 203 15.54 20.71 0.92
CA LEU C 203 14.95 19.40 0.93
C LEU C 203 15.49 18.62 -0.26
N LEU C 204 16.20 17.55 -0.05
CA LEU C 204 16.86 16.82 -1.07
C LEU C 204 17.07 15.40 -0.70
N GLU C 205 17.41 14.52 -1.60
CA GLU C 205 17.50 13.13 -1.37
C GLU C 205 18.63 12.86 -0.41
N SER C 206 18.42 11.85 0.45
CA SER C 206 19.36 11.47 1.53
C SER C 206 20.74 11.15 1.00
N THR C 207 20.81 10.45 -0.13
CA THR C 207 22.10 10.11 -0.75
C THR C 207 22.93 11.38 -0.98
N MET C 208 22.40 12.39 -1.60
CA MET C 208 23.12 13.66 -1.93
C MET C 208 23.43 14.33 -0.60
N ASN C 209 22.51 14.39 0.31
CA ASN C 209 22.66 15.07 1.62
C ASN C 209 23.82 14.43 2.38
N GLU C 210 23.91 13.12 2.40
CA GLU C 210 24.91 12.40 3.20
C GLU C 210 26.24 12.56 2.53
N TYR C 211 26.35 12.65 1.23
CA TYR C 211 27.63 12.89 0.56
C TYR C 211 28.12 14.29 0.91
N ILE C 212 27.27 15.29 0.86
CA ILE C 212 27.61 16.72 1.10
C ILE C 212 28.09 16.88 2.51
N GLU C 213 27.43 16.22 3.45
CA GLU C 213 27.80 16.32 4.88
C GLU C 213 29.20 15.83 5.09
N GLN C 214 29.78 14.98 4.28
CA GLN C 214 31.22 14.50 4.41
C GLN C 214 32.19 15.24 3.54
N ARG C 215 31.82 16.37 3.01
CA ARG C 215 32.75 17.18 2.26
C ARG C 215 33.02 18.52 2.97
N LYS C 216 34.30 18.95 2.85
CA LYS C 216 34.66 20.28 3.24
C LYS C 216 33.78 21.23 2.44
N PRO C 217 33.37 22.35 3.04
CA PRO C 217 33.78 22.88 4.34
C PRO C 217 33.06 22.35 5.58
N CYS C 218 32.33 21.23 5.46
CA CYS C 218 31.82 20.52 6.61
C CYS C 218 30.85 21.35 7.49
N ASP C 219 29.97 22.14 6.88
CA ASP C 219 29.15 23.09 7.50
C ASP C 219 27.66 22.81 7.42
N THR C 220 27.36 21.62 6.82
CA THR C 220 25.94 21.24 6.67
C THR C 220 25.67 19.93 7.38
N MET C 221 24.42 19.69 7.65
CA MET C 221 24.04 18.45 8.35
C MET C 221 22.71 17.95 7.80
N LYS C 222 22.55 16.63 7.79
CA LYS C 222 21.26 16.06 7.60
C LYS C 222 20.49 16.03 8.93
N VAL C 223 19.26 16.43 9.00
CA VAL C 223 18.51 16.30 10.26
C VAL C 223 17.15 15.61 9.99
N GLY C 224 16.81 14.85 11.04
CA GLY C 224 15.53 14.18 11.06
C GLY C 224 15.62 12.90 10.20
N GLY C 225 14.50 12.23 10.19
CA GLY C 225 14.42 10.98 9.51
C GLY C 225 14.12 11.36 8.06
N ASN C 226 14.17 10.33 7.21
CA ASN C 226 13.74 10.59 5.84
C ASN C 226 12.21 10.65 5.75
N LEU C 227 11.70 11.40 4.76
CA LEU C 227 10.29 11.67 4.59
C LEU C 227 9.50 10.61 3.83
N ASP C 228 10.26 9.83 3.12
CA ASP C 228 9.76 8.73 2.25
C ASP C 228 10.87 7.68 2.03
N SER C 229 10.57 6.62 1.28
CA SER C 229 11.47 5.61 1.03
C SER C 229 11.27 5.15 -0.39
N LYS C 230 12.34 5.20 -1.21
CA LYS C 230 12.20 4.88 -2.61
C LYS C 230 13.61 4.53 -3.13
N GLY C 231 13.74 4.44 -4.44
CA GLY C 231 14.91 3.91 -5.07
C GLY C 231 15.19 4.67 -6.35
N TYR C 232 16.46 4.56 -6.80
CA TYR C 232 16.92 4.99 -8.18
C TYR C 232 16.97 3.77 -9.03
N GLY C 233 16.58 3.93 -10.31
CA GLY C 233 16.69 2.85 -11.25
C GLY C 233 17.34 3.27 -12.55
N ILE C 234 17.85 2.31 -13.28
CA ILE C 234 18.34 2.53 -14.65
C ILE C 234 17.17 2.57 -15.55
N ALA C 235 17.06 3.58 -16.38
CA ALA C 235 15.91 3.78 -17.23
C ALA C 235 16.21 3.53 -18.69
N THR C 236 15.23 2.92 -19.35
CA THR C 236 15.27 2.68 -20.79
C THR C 236 13.93 3.12 -21.44
N PRO C 237 13.94 3.41 -22.75
CA PRO C 237 12.67 3.69 -23.42
C PRO C 237 11.75 2.47 -23.32
N LYS C 238 10.48 2.74 -23.33
CA LYS C 238 9.50 1.71 -23.16
C LYS C 238 9.66 0.71 -24.17
N GLY C 239 9.74 -0.49 -23.64
CA GLY C 239 9.84 -1.58 -24.49
C GLY C 239 11.18 -1.90 -25.09
N SER C 240 12.26 -1.09 -24.88
CA SER C 240 13.63 -1.39 -25.29
C SER C 240 14.04 -2.87 -25.04
N SER C 241 14.81 -3.37 -25.98
CA SER C 241 15.40 -4.69 -25.85
C SER C 241 16.59 -4.76 -24.88
N LEU C 242 17.01 -3.59 -24.36
CA LEU C 242 18.12 -3.49 -23.42
C LEU C 242 17.63 -3.66 -21.98
N GLY C 243 16.35 -3.43 -21.75
CA GLY C 243 15.77 -3.38 -20.41
C GLY C 243 15.92 -4.67 -19.64
N ASN C 244 15.66 -5.82 -20.29
CA ASN C 244 15.85 -7.10 -19.62
C ASN C 244 17.25 -7.30 -19.05
N ALA C 245 18.20 -7.22 -19.95
CA ALA C 245 19.56 -7.46 -19.62
C ALA C 245 20.03 -6.48 -18.51
N VAL C 246 19.68 -5.18 -18.64
CA VAL C 246 20.12 -4.22 -17.65
C VAL C 246 19.56 -4.62 -16.28
N ASN C 247 18.30 -5.02 -16.24
CA ASN C 247 17.78 -5.38 -14.97
C ASN C 247 18.53 -6.55 -14.34
N LEU C 248 18.76 -7.59 -15.12
CA LEU C 248 19.50 -8.75 -14.59
C LEU C 248 20.89 -8.35 -14.13
N ALA C 249 21.55 -7.44 -14.88
CA ALA C 249 22.85 -6.93 -14.46
C ALA C 249 22.77 -6.24 -13.12
N VAL C 250 21.74 -5.37 -12.87
CA VAL C 250 21.64 -4.72 -11.58
C VAL C 250 21.52 -5.78 -10.43
N LEU C 251 20.65 -6.75 -10.67
CA LEU C 251 20.51 -7.82 -9.66
C LEU C 251 21.83 -8.61 -9.38
N LYS C 252 22.55 -8.90 -10.43
CA LYS C 252 23.84 -9.55 -10.27
C LYS C 252 24.82 -8.69 -9.50
N LEU C 253 24.94 -7.36 -9.87
CA LEU C 253 25.87 -6.45 -9.23
C LEU C 253 25.49 -6.30 -7.77
N ASN C 254 24.19 -6.23 -7.46
CA ASN C 254 23.85 -6.17 -6.07
C ASN C 254 24.25 -7.43 -5.31
N GLU C 255 23.98 -8.55 -5.88
CA GLU C 255 24.24 -9.87 -5.22
C GLU C 255 25.72 -10.10 -5.01
N GLN C 256 26.55 -9.57 -5.91
CA GLN C 256 28.06 -9.67 -5.78
C GLN C 256 28.63 -8.70 -4.79
N GLY C 257 27.84 -7.80 -4.26
CA GLY C 257 28.24 -6.75 -3.36
C GLY C 257 28.94 -5.59 -4.01
N LEU C 258 28.88 -5.58 -5.34
CA LEU C 258 29.57 -4.50 -6.14
C LEU C 258 28.92 -3.12 -5.90
N LEU C 259 27.54 -3.08 -5.79
CA LEU C 259 26.90 -1.83 -5.52
C LEU C 259 27.27 -1.28 -4.14
N ASP C 260 27.44 -2.17 -3.14
CA ASP C 260 27.85 -1.69 -1.85
C ASP C 260 29.32 -1.22 -1.87
N LYS C 261 30.11 -1.94 -2.63
CA LYS C 261 31.54 -1.52 -2.81
C LYS C 261 31.61 -0.09 -3.42
N LEU C 262 30.80 0.15 -4.45
CA LEU C 262 30.81 1.50 -5.06
C LEU C 262 30.31 2.54 -4.19
N LYS C 263 29.24 2.26 -3.42
CA LYS C 263 28.72 3.20 -2.48
C LYS C 263 29.83 3.66 -1.46
N ASN C 264 30.46 2.63 -0.91
CA ASN C 264 31.60 2.97 0.00
C ASN C 264 32.66 3.81 -0.62
N LYS C 265 33.02 3.47 -1.84
CA LYS C 265 34.07 4.15 -2.57
C LYS C 265 33.81 5.59 -2.72
N TRP C 266 32.58 5.98 -3.11
CA TRP C 266 32.28 7.33 -3.46
C TRP C 266 31.65 8.15 -2.38
N TRP C 267 31.21 7.46 -1.33
CA TRP C 267 30.71 8.24 -0.21
C TRP C 267 31.68 8.45 0.98
N TYR C 268 32.01 7.32 1.51
CA TYR C 268 32.57 7.20 2.86
C TYR C 268 34.05 7.04 2.77
N ASP C 269 34.55 6.29 1.80
CA ASP C 269 36.02 6.37 1.53
C ASP C 269 36.32 7.83 1.07
N LYS C 270 35.36 8.50 0.38
CA LYS C 270 35.66 9.90 -0.03
C LYS C 270 35.34 11.06 1.02
N GLY C 271 35.32 10.68 2.31
CA GLY C 271 34.88 11.59 3.39
C GLY C 271 36.02 12.47 3.86
N GLU C 272 35.73 13.74 4.11
CA GLU C 272 36.76 14.71 4.54
C GLU C 272 36.47 15.47 5.79
N CYS C 273 35.44 15.04 6.50
CA CYS C 273 34.94 15.74 7.69
C CYS C 273 35.24 14.97 8.99
N GLU D . 12.50 -13.68 2.36
CA GLU D . 13.27 -14.98 2.22
C GLU D . 13.06 -15.63 0.84
O GLU D . 13.64 -16.70 0.57
CB GLU D . 13.01 -16.00 3.33
CG GLU D . 13.67 -15.65 4.64
CD GLU D . 15.15 -15.89 4.69
OE1 GLU D . 15.74 -15.38 5.71
OE2 GLU D . 15.74 -16.58 3.82
OXT GLU D . 12.31 -15.03 0.04
ZN ZN E . -6.09 1.92 -2.05
ZN ZN F . -38.47 -20.46 13.15
ZN ZN G . -52.46 -4.55 6.47
N GLU H . -29.89 2.53 1.13
CA GLU H . -28.65 2.62 0.33
C GLU H . -28.93 2.34 -1.16
O GLU H . -27.93 2.38 -1.93
CB GLU H . -27.54 1.73 0.87
CG GLU H . -26.89 2.26 2.15
CD GLU H . -25.92 3.41 1.89
OE1 GLU H . -25.58 4.10 2.92
OE2 GLU H . -25.52 3.77 0.74
OXT GLU H . -30.11 2.12 -1.45
O23 1YV I . -37.36 10.69 -0.62
S24 1YV I . -38.04 11.44 -1.69
O22 1YV I . -38.99 10.67 -2.51
C18 1YV I . -36.81 12.10 -2.74
C2 1YV I . -36.07 10.91 -3.45
C1 1YV I . -37.44 13.10 -3.75
N21 1YV I . -38.73 12.64 -0.96
C12 1YV I . -38.02 13.52 -0.07
C19 1YV I . -38.93 14.20 1.01
C3 1YV I . -37.94 15.06 1.75
C17 1YV I . -39.75 13.21 1.81
C10 1YV I . -41.07 13.36 2.18
C11 1YV I . -39.21 11.95 2.21
C9 1YV I . -39.90 10.97 2.92
C16 1YV I . -41.23 11.16 3.29
C8 1YV I . -41.79 12.35 2.81
C15 1YV I . -41.97 10.04 3.95
C6 1YV I . -43.30 9.79 3.58
C7 1YV I . -41.39 9.06 4.75
C5 1YV I . -42.12 8.02 5.28
C14 1YV I . -43.45 7.83 4.93
C4 1YV I . -44.06 8.73 4.07
C13 1YV I . -44.07 6.83 5.42
N20 1YV I . -44.55 5.92 5.93
ZN ZN J . 4.76 25.10 -20.22
ZN ZN K . 31.19 -6.97 -12.95
N GLU L . 16.48 11.98 -8.09
CA GLU L . 15.53 13.07 -8.44
C GLU L . 14.70 12.76 -9.76
O GLU L . 13.87 13.64 -10.04
CB GLU L . 16.15 14.42 -8.53
CG GLU L . 16.56 14.98 -7.19
CD GLU L . 15.37 15.53 -6.36
OE1 GLU L . 15.62 15.80 -5.11
OE2 GLU L . 14.30 15.85 -6.85
OXT GLU L . 14.99 11.67 -10.27
O23 1YV M . 16.05 -5.10 -3.80
O23 1YV M . 11.86 2.35 -4.63
S24 1YV M . 16.57 -4.69 -5.11
S24 1YV M . 10.67 1.48 -4.92
O22 1YV M . 15.52 -4.77 -6.08
O22 1YV M . 10.97 0.77 -6.14
C18 1YV M . 17.95 -5.70 -5.47
C18 1YV M . 9.18 2.43 -4.98
C2 1YV M . 17.52 -7.16 -5.49
C2 1YV M . 9.22 3.40 -6.18
C1 1YV M . 18.49 -5.38 -6.87
C1 1YV M . 8.07 1.42 -5.16
N21 1YV M . 17.07 -3.24 -4.99
N21 1YV M . 10.59 0.54 -3.65
C12 1YV M . 18.16 -2.85 -4.03
C12 1YV M . 10.53 1.04 -2.26
C19 1YV M . 18.21 -1.38 -3.45
C19 1YV M . 11.17 0.09 -1.20
C3 1YV M . 19.26 -1.12 -2.38
C3 1YV M . 10.97 0.74 0.16
C17 1YV M . 16.84 -0.95 -3.00
C17 1YV M . 12.62 -0.26 -1.52
C10 1YV M . 16.26 0.29 -3.33
C10 1YV M . 13.11 -1.59 -1.47
C11 1YV M . 16.05 -1.83 -2.26
C11 1YV M . 13.53 0.70 -2.02
C9 1YV M . 14.77 -1.46 -1.85
C9 1YV M . 14.82 0.40 -2.38
C16 1YV M . 14.19 -0.20 -2.13
C16 1YV M . 15.30 -0.94 -2.32
C8 1YV M . 14.98 0.63 -2.93
C8 1YV M . 14.42 -1.90 -1.88
C15 1YV M . 12.78 0.16 -1.81
C15 1YV M . 16.71 -1.30 -2.73
C6 1YV M . 11.98 0.96 -2.70
C6 1YV M . 16.98 -2.57 -3.31
C7 1YV M . 12.14 -0.44 -0.77
C7 1YV M . 17.77 -0.40 -2.64
C5 1YV M . 10.81 -0.18 -0.52
C5 1YV M . 19.06 -0.74 -3.01
C14 1YV M . 10.07 0.65 -1.32
C14 1YV M . 19.33 -1.97 -3.54
C4 1YV M . 10.65 1.23 -2.44
C4 1YV M . 18.30 -2.90 -3.69
C13 1YV M . 8.80 0.80 -1.02
C13 1YV M . 20.54 -2.22 -3.91
N20 1YV M . 7.66 0.87 -0.87
N20 1YV M . 21.61 -2.39 -4.29
#